data_6SDA
#
_entry.id   6SDA
#
_cell.length_a   126.266
_cell.length_b   134.647
_cell.length_c   133.179
_cell.angle_alpha   90.000
_cell.angle_beta   90.000
_cell.angle_gamma   90.000
#
_symmetry.space_group_name_H-M   'C 2 2 21'
#
loop_
_entity.id
_entity.type
_entity.pdbx_description
1 polymer 'Probable acyl-CoA dehydrogenase'
2 non-polymer 'FLAVIN-ADENINE DINUCLEOTIDE'
3 non-polymer decanoyl-CoA
4 water water
#
_entity_poly.entity_id   1
_entity_poly.type   'polypeptide(L)'
_entity_poly.pdbx_seq_one_letter_code
;MKNFYQDGPQLSNTFRSDEALQKILKSLLPADAQKVALPHLEHLGERAVTDMLTWAQEAESQPPVHVPFDPWGRRIDDIK
TSHGWKALEKVAAEEGIVATAYDRRFGAASRVYQMALLYLYSPSSAIFSCPLAMTDGAARALELYADADLKARVLPHLLS
RDPKTFWTAGQWMTERTGGSDVSGTSTDAHPFTGTSEFGATHSLHGTKWFTSATTSQMALTLARPDGAAPGSRGLSLFFL
ELRNDKGELNHIQIHRLKDKLGTKALPTAELSLQGTPARMIGGVGEGVKRIASVLNITRIYNSICAVGHIRRALDLAQDY
SGKRQAFGKLLKDHPLHKSTLDSLEADFRKCIAFSFFVANLLGQEEVGEASASEKILLRVLTPILKLYTAKKSIHISSEV
VEMFGGAGYVEDTGIPRLLRDAQVFSIWEGTTNVLSLDMLRAFEKDQAGQILEQFLVLNEAGSEELVRLQKLLTLSGEQK
EQHAREIAFLIGNAVARIAMKKYSL
;
_entity_poly.pdbx_strand_id   A,B
#
# COMPACT_ATOMS: atom_id res chain seq x y z
N ASN A 3 -24.93 -22.10 3.09
CA ASN A 3 -24.61 -22.58 4.43
C ASN A 3 -23.94 -21.49 5.26
N PHE A 4 -22.61 -21.55 5.39
CA PHE A 4 -21.90 -20.51 6.14
C PHE A 4 -21.60 -19.26 5.32
N TYR A 5 -21.90 -18.09 5.88
CA TYR A 5 -21.46 -16.80 5.32
C TYR A 5 -20.91 -15.94 6.43
N GLN A 6 -19.75 -15.34 6.19
CA GLN A 6 -19.11 -14.47 7.17
C GLN A 6 -19.83 -13.13 7.35
N ASP A 7 -20.03 -12.71 8.60
CA ASP A 7 -20.51 -11.36 8.88
C ASP A 7 -19.36 -10.37 8.68
N GLY A 8 -19.60 -9.32 7.91
CA GLY A 8 -18.59 -8.29 7.66
C GLY A 8 -18.57 -7.22 8.74
N PRO A 9 -17.54 -6.35 8.72
CA PRO A 9 -17.38 -5.33 9.77
C PRO A 9 -18.47 -4.24 9.73
N GLN A 10 -18.82 -3.70 10.89
CA GLN A 10 -19.82 -2.64 11.03
C GLN A 10 -19.26 -1.53 11.94
N LEU A 11 -19.63 -0.30 11.67
CA LEU A 11 -19.21 0.86 12.44
C LEU A 11 -20.28 1.27 13.46
N SER A 12 -19.90 2.11 14.41
CA SER A 12 -20.75 2.64 15.46
C SER A 12 -20.39 4.10 15.58
N ASN A 13 -21.26 4.91 16.19
CA ASN A 13 -21.07 6.34 16.31
C ASN A 13 -19.63 6.65 16.67
N THR A 14 -18.97 7.39 15.81
CA THR A 14 -17.55 7.66 15.91
C THR A 14 -17.08 8.61 17.00
N PHE A 15 -18.02 9.28 17.62
CA PHE A 15 -17.67 10.07 18.79
C PHE A 15 -17.71 9.16 20.03
N ARG A 16 -18.84 8.47 20.20
CA ARG A 16 -19.03 7.57 21.33
C ARG A 16 -18.03 6.43 21.36
N SER A 17 -17.56 5.98 20.20
CA SER A 17 -16.63 4.85 20.16
C SER A 17 -15.17 5.26 20.41
N ASP A 18 -14.90 6.56 20.54
CA ASP A 18 -13.51 7.04 20.55
C ASP A 18 -13.14 7.64 21.91
N GLU A 19 -12.65 6.79 22.81
CA GLU A 19 -12.31 7.26 24.15
C GLU A 19 -11.10 8.19 24.14
N ALA A 20 -10.17 7.96 23.22
CA ALA A 20 -8.99 8.80 23.14
C ALA A 20 -9.38 10.23 22.77
N LEU A 21 -10.23 10.40 21.77
CA LEU A 21 -10.68 11.73 21.41
C LEU A 21 -11.38 12.41 22.57
N GLN A 22 -12.24 11.68 23.26
CA GLN A 22 -13.00 12.29 24.36
C GLN A 22 -12.08 12.73 25.50
N LYS A 23 -11.09 11.92 25.82
CA LYS A 23 -10.12 12.30 26.84
C LYS A 23 -9.34 13.55 26.45
N ILE A 24 -8.95 13.62 25.19
CA ILE A 24 -8.21 14.78 24.70
C ILE A 24 -9.05 16.05 24.80
N LEU A 25 -10.31 15.99 24.38
CA LEU A 25 -11.16 17.18 24.41
C LEU A 25 -11.48 17.61 25.83
N LYS A 26 -11.51 16.66 26.76
CA LYS A 26 -11.76 17.04 28.16
C LYS A 26 -10.56 17.81 28.72
N SER A 27 -9.39 17.56 28.17
CA SER A 27 -8.21 18.27 28.60
C SER A 27 -8.07 19.64 27.91
N LEU A 28 -8.39 19.68 26.61
CA LEU A 28 -8.13 20.86 25.80
C LEU A 28 -9.30 21.85 25.70
N LEU A 29 -10.53 21.36 25.86
CA LEU A 29 -11.71 22.22 25.76
C LEU A 29 -12.14 22.72 27.13
N PRO A 30 -12.25 24.03 27.30
CA PRO A 30 -12.84 24.58 28.53
C PRO A 30 -14.34 24.29 28.58
N ALA A 31 -14.94 24.48 29.75
CA ALA A 31 -16.33 24.15 30.00
C ALA A 31 -17.32 24.75 29.00
N ASP A 32 -17.15 26.04 28.68
CA ASP A 32 -18.06 26.69 27.74
C ASP A 32 -17.91 26.09 26.34
N ALA A 33 -16.69 25.70 25.98
CA ALA A 33 -16.48 25.06 24.68
C ALA A 33 -17.13 23.68 24.63
N GLN A 34 -16.96 22.90 25.69
CA GLN A 34 -17.52 21.55 25.73
C GLN A 34 -19.05 21.55 25.62
N LYS A 35 -19.67 22.53 26.25
CA LYS A 35 -21.12 22.64 26.26
C LYS A 35 -21.67 22.71 24.83
N VAL A 36 -20.96 23.41 23.96
CA VAL A 36 -21.35 23.48 22.54
C VAL A 36 -20.77 22.33 21.73
N ALA A 37 -19.49 22.03 21.94
CA ALA A 37 -18.78 21.09 21.06
C ALA A 37 -19.21 19.64 21.21
N LEU A 38 -19.37 19.16 22.43
CA LEU A 38 -19.60 17.73 22.63
C LEU A 38 -20.93 17.24 22.01
N PRO A 39 -22.04 17.99 22.18
CA PRO A 39 -23.23 17.52 21.47
C PRO A 39 -23.13 17.62 19.94
N HIS A 40 -22.45 18.64 19.45
CA HIS A 40 -22.23 18.79 18.01
C HIS A 40 -21.41 17.61 17.49
N LEU A 41 -20.34 17.28 18.21
CA LEU A 41 -19.47 16.16 17.84
C LEU A 41 -20.18 14.81 17.89
N GLU A 42 -21.04 14.61 18.90
CA GLU A 42 -21.77 13.36 19.01
C GLU A 42 -22.74 13.20 17.85
N HIS A 43 -23.33 14.32 17.42
CA HIS A 43 -24.17 14.37 16.23
C HIS A 43 -23.39 14.03 14.95
N LEU A 44 -22.22 14.64 14.79
CA LEU A 44 -21.40 14.40 13.61
C LEU A 44 -20.92 12.94 13.58
N GLY A 45 -20.63 12.40 14.76
CA GLY A 45 -20.20 11.01 14.89
C GLY A 45 -21.29 10.06 14.41
N GLU A 46 -22.54 10.46 14.60
CA GLU A 46 -23.65 9.66 14.10
C GLU A 46 -23.76 9.75 12.57
N ARG A 47 -23.64 10.97 12.03
CA ARG A 47 -23.65 11.17 10.58
C ARG A 47 -22.53 10.40 9.90
N ALA A 48 -21.37 10.33 10.55
CA ALA A 48 -20.20 9.65 10.01
C ALA A 48 -20.46 8.19 9.70
N VAL A 49 -21.40 7.58 10.41
CA VAL A 49 -21.69 6.15 10.19
C VAL A 49 -23.08 5.92 9.59
N THR A 50 -23.75 7.00 9.20
CA THR A 50 -25.06 6.89 8.57
C THR A 50 -25.08 7.59 7.21
N ASP A 51 -25.58 8.82 7.12
CA ASP A 51 -25.78 9.38 5.78
C ASP A 51 -24.46 9.73 5.09
N MET A 52 -23.45 10.16 5.83
CA MET A 52 -22.16 10.47 5.24
C MET A 52 -21.50 9.23 4.66
N LEU A 53 -21.60 8.14 5.41
CA LEU A 53 -20.99 6.88 5.00
C LEU A 53 -21.56 6.43 3.66
N THR A 54 -22.87 6.55 3.49
CA THR A 54 -23.51 6.19 2.22
C THR A 54 -23.12 7.10 1.06
N TRP A 55 -23.07 8.40 1.34
CA TRP A 55 -22.68 9.38 0.33
C TRP A 55 -21.23 9.18 -0.10
N ALA A 56 -20.36 8.87 0.87
CA ALA A 56 -18.96 8.61 0.57
C ALA A 56 -18.82 7.34 -0.31
N GLN A 57 -19.59 6.31 0.00
CA GLN A 57 -19.58 5.07 -0.79
C GLN A 57 -20.05 5.33 -2.21
N GLU A 58 -21.09 6.16 -2.30
CA GLU A 58 -21.67 6.53 -3.58
C GLU A 58 -20.66 7.31 -4.44
N ALA A 59 -19.93 8.23 -3.82
CA ALA A 59 -18.93 9.03 -4.55
C ALA A 59 -17.76 8.18 -5.02
N GLU A 60 -17.32 7.25 -4.18
CA GLU A 60 -16.20 6.36 -4.52
C GLU A 60 -16.59 5.40 -5.65
N SER A 61 -17.86 5.01 -5.69
CA SER A 61 -18.35 4.11 -6.73
C SER A 61 -18.67 4.86 -8.03
N GLN A 62 -18.80 6.17 -7.96
CA GLN A 62 -19.05 6.97 -9.16
C GLN A 62 -18.05 8.12 -9.26
N PRO A 63 -16.80 7.81 -9.67
CA PRO A 63 -15.73 8.83 -9.72
C PRO A 63 -16.06 9.92 -10.74
N PRO A 64 -15.46 11.10 -10.58
CA PRO A 64 -15.74 12.22 -11.47
C PRO A 64 -15.34 11.92 -12.90
N VAL A 65 -16.04 12.56 -13.85
CA VAL A 65 -15.77 12.36 -15.26
C VAL A 65 -15.64 13.73 -15.94
N HIS A 66 -14.58 13.88 -16.74
CA HIS A 66 -14.36 15.10 -17.51
C HIS A 66 -15.15 15.03 -18.82
N VAL A 67 -15.96 16.06 -19.07
CA VAL A 67 -16.68 16.21 -20.33
C VAL A 67 -16.19 17.49 -21.01
N PRO A 68 -15.14 17.37 -21.83
CA PRO A 68 -14.56 18.62 -22.36
C PRO A 68 -15.49 19.37 -23.33
N PHE A 69 -16.24 18.63 -24.15
CA PHE A 69 -17.07 19.24 -25.17
C PHE A 69 -18.54 18.89 -25.03
N ASP A 70 -19.42 19.85 -25.28
CA ASP A 70 -20.84 19.54 -25.37
C ASP A 70 -21.09 18.88 -26.75
N PRO A 71 -22.31 18.37 -26.99
CA PRO A 71 -22.52 17.63 -28.25
C PRO A 71 -22.39 18.46 -29.53
N TRP A 72 -22.37 19.78 -29.41
CA TRP A 72 -22.31 20.65 -30.57
C TRP A 72 -20.96 21.35 -30.71
N GLY A 73 -19.98 20.90 -29.93
CA GLY A 73 -18.60 21.34 -30.07
C GLY A 73 -18.15 22.48 -29.19
N ARG A 74 -19.03 23.00 -28.35
CA ARG A 74 -18.64 24.02 -27.38
C ARG A 74 -17.71 23.45 -26.32
N ARG A 75 -16.60 24.13 -26.05
CA ARG A 75 -15.70 23.68 -25.01
C ARG A 75 -16.28 24.08 -23.66
N ILE A 76 -16.75 23.11 -22.88
CA ILE A 76 -17.39 23.39 -21.61
C ILE A 76 -16.59 22.93 -20.41
N ASP A 77 -15.74 21.91 -20.61
CA ASP A 77 -14.91 21.36 -19.54
C ASP A 77 -15.70 21.10 -18.26
N ASP A 78 -16.83 20.43 -18.40
CA ASP A 78 -17.62 20.04 -17.24
C ASP A 78 -16.94 18.92 -16.51
N ILE A 79 -17.09 18.90 -15.18
CA ILE A 79 -16.69 17.75 -14.39
C ILE A 79 -17.95 17.19 -13.73
N LYS A 80 -18.39 16.01 -14.17
CA LYS A 80 -19.59 15.39 -13.59
C LYS A 80 -19.24 14.69 -12.29
N THR A 81 -19.97 15.00 -11.22
CA THR A 81 -19.77 14.32 -9.95
C THR A 81 -21.06 13.67 -9.48
N SER A 82 -20.93 12.76 -8.54
CA SER A 82 -22.08 12.07 -7.96
C SER A 82 -22.89 12.98 -7.06
N HIS A 83 -24.12 12.57 -6.78
CA HIS A 83 -24.94 13.29 -5.83
C HIS A 83 -24.31 13.22 -4.43
N GLY A 84 -23.70 12.09 -4.10
CA GLY A 84 -23.07 11.93 -2.80
C GLY A 84 -21.93 12.90 -2.59
N TRP A 85 -21.15 13.14 -3.64
CA TRP A 85 -20.06 14.10 -3.53
C TRP A 85 -20.59 15.49 -3.23
N LYS A 86 -21.63 15.88 -3.96
CA LYS A 86 -22.27 17.18 -3.74
C LYS A 86 -22.81 17.25 -2.32
N ALA A 87 -23.39 16.15 -1.84
CA ALA A 87 -23.96 16.13 -0.48
C ALA A 87 -22.89 16.30 0.60
N LEU A 88 -21.70 15.76 0.37
CA LEU A 88 -20.63 15.85 1.37
C LEU A 88 -20.07 17.27 1.45
N GLU A 89 -20.13 18.00 0.33
CA GLU A 89 -19.79 19.43 0.36
C GLU A 89 -20.76 20.23 1.23
N LYS A 90 -22.05 19.91 1.10
CA LYS A 90 -23.09 20.56 1.88
C LYS A 90 -22.89 20.30 3.37
N VAL A 91 -22.55 19.07 3.73
CA VAL A 91 -22.26 18.74 5.12
C VAL A 91 -21.11 19.59 5.67
N ALA A 92 -20.07 19.79 4.85
CA ALA A 92 -18.91 20.57 5.30
C ALA A 92 -19.30 22.00 5.67
N ALA A 93 -20.19 22.59 4.88
CA ALA A 93 -20.66 23.93 5.17
C ALA A 93 -21.54 23.95 6.44
N GLU A 94 -22.59 23.13 6.46
CA GLU A 94 -23.58 23.25 7.53
C GLU A 94 -23.02 22.80 8.88
N GLU A 95 -22.05 21.91 8.87
CA GLU A 95 -21.42 21.44 10.11
C GLU A 95 -20.23 22.30 10.53
N GLY A 96 -19.89 23.31 9.73
CA GLY A 96 -18.81 24.23 10.08
C GLY A 96 -17.47 23.52 10.21
N ILE A 97 -17.18 22.59 9.30
CA ILE A 97 -15.94 21.83 9.40
C ILE A 97 -14.73 22.75 9.22
N VAL A 98 -14.89 23.82 8.46
CA VAL A 98 -13.84 24.84 8.38
C VAL A 98 -14.18 26.04 9.27
N ALA A 99 -15.40 26.56 9.12
CA ALA A 99 -15.78 27.84 9.74
C ALA A 99 -15.57 27.87 11.26
N THR A 100 -15.70 26.72 11.90
CA THR A 100 -15.61 26.65 13.37
C THR A 100 -14.29 27.22 13.90
N ALA A 101 -13.20 27.04 13.16
CA ALA A 101 -11.89 27.54 13.60
C ALA A 101 -11.82 29.05 13.61
N TYR A 102 -12.60 29.69 12.74
CA TYR A 102 -12.50 31.13 12.53
C TYR A 102 -13.48 31.90 13.41
N ASP A 103 -14.37 31.15 14.04
CA ASP A 103 -15.18 31.73 15.09
C ASP A 103 -14.47 31.46 16.43
N ARG A 104 -13.65 32.42 16.85
CA ARG A 104 -12.69 32.19 17.92
C ARG A 104 -13.25 32.52 19.30
N ARG A 105 -14.55 32.29 19.50
CA ARG A 105 -15.20 32.44 20.82
C ARG A 105 -14.44 31.74 21.92
N PHE A 106 -13.83 30.61 21.57
CA PHE A 106 -13.22 29.74 22.57
C PHE A 106 -11.70 29.85 22.57
N GLY A 107 -11.18 30.94 22.02
CA GLY A 107 -9.75 31.18 22.02
C GLY A 107 -9.03 30.12 21.22
N ALA A 108 -7.94 29.58 21.79
CA ALA A 108 -7.18 28.52 21.13
C ALA A 108 -8.02 27.26 20.95
N ALA A 109 -9.06 27.14 21.75
CA ALA A 109 -9.87 25.94 21.77
C ALA A 109 -10.80 25.90 20.56
N SER A 110 -10.97 27.03 19.90
CA SER A 110 -11.78 27.06 18.67
C SER A 110 -11.14 26.21 17.59
N ARG A 111 -9.82 26.36 17.41
CA ARG A 111 -9.12 25.53 16.43
C ARG A 111 -9.14 24.05 16.83
N VAL A 112 -9.04 23.77 18.12
CA VAL A 112 -9.11 22.38 18.60
C VAL A 112 -10.49 21.75 18.29
N TYR A 113 -11.54 22.50 18.59
CA TYR A 113 -12.92 22.06 18.35
C TYR A 113 -13.09 21.79 16.85
N GLN A 114 -12.63 22.71 16.02
CA GLN A 114 -12.70 22.52 14.57
C GLN A 114 -11.93 21.28 14.11
N MET A 115 -10.73 21.05 14.66
CA MET A 115 -9.95 19.89 14.24
C MET A 115 -10.61 18.60 14.69
N ALA A 116 -11.33 18.64 15.81
CA ALA A 116 -12.12 17.48 16.22
C ALA A 116 -13.25 17.21 15.23
N LEU A 117 -13.91 18.26 14.73
CA LEU A 117 -14.94 18.07 13.71
C LEU A 117 -14.33 17.43 12.45
N LEU A 118 -13.18 17.96 12.03
CA LEU A 118 -12.48 17.41 10.85
C LEU A 118 -12.13 15.94 11.05
N TYR A 119 -11.70 15.61 12.27
CA TYR A 119 -11.29 14.26 12.64
C TYR A 119 -12.43 13.24 12.49
N LEU A 120 -13.64 13.67 12.82
CA LEU A 120 -14.80 12.79 12.63
C LEU A 120 -15.29 12.77 11.19
N TYR A 121 -15.26 13.93 10.54
CA TYR A 121 -15.77 14.15 9.18
C TYR A 121 -14.93 13.44 8.10
N SER A 122 -13.62 13.64 8.16
CA SER A 122 -12.73 13.21 7.07
C SER A 122 -12.85 11.74 6.64
N PRO A 123 -12.80 10.79 7.59
CA PRO A 123 -12.82 9.37 7.19
C PRO A 123 -14.12 8.96 6.51
N SER A 124 -15.16 9.77 6.64
CA SER A 124 -16.43 9.52 5.95
C SER A 124 -16.72 10.57 4.86
N SER A 125 -15.69 11.17 4.28
CA SER A 125 -15.92 12.28 3.34
C SER A 125 -15.48 12.00 1.92
N ALA A 126 -15.01 10.78 1.66
CA ALA A 126 -14.37 10.43 0.37
C ALA A 126 -13.28 11.45 0.02
N ILE A 127 -12.60 11.94 1.04
CA ILE A 127 -11.50 12.92 0.98
C ILE A 127 -11.95 14.31 0.46
N PHE A 128 -13.22 14.65 0.68
CA PHE A 128 -13.62 16.04 0.50
C PHE A 128 -12.85 16.91 1.50
N SER A 129 -12.30 16.29 2.54
CA SER A 129 -11.48 17.02 3.49
C SER A 129 -10.25 17.66 2.84
N CYS A 130 -9.83 17.18 1.67
CA CYS A 130 -8.72 17.83 0.96
C CYS A 130 -9.14 19.23 0.45
N PRO A 131 -10.23 19.33 -0.35
CA PRO A 131 -10.73 20.69 -0.62
C PRO A 131 -10.87 21.58 0.65
N LEU A 132 -11.31 21.02 1.76
CA LEU A 132 -11.48 21.82 2.97
C LEU A 132 -10.15 22.35 3.52
N ALA A 133 -9.09 21.54 3.44
CA ALA A 133 -7.77 21.97 3.89
C ALA A 133 -7.33 23.22 3.13
N MET A 134 -7.53 23.18 1.81
CA MET A 134 -7.12 24.26 0.93
C MET A 134 -8.01 25.48 1.11
N THR A 135 -9.27 25.22 1.46
CA THR A 135 -10.21 26.30 1.76
C THR A 135 -9.82 27.06 3.04
N ASP A 136 -9.50 26.30 4.07
CA ASP A 136 -9.02 26.84 5.34
C ASP A 136 -7.74 27.63 5.11
N GLY A 137 -6.76 27.00 4.47
CA GLY A 137 -5.51 27.67 4.14
C GLY A 137 -5.71 28.96 3.39
N ALA A 138 -6.60 28.94 2.40
CA ALA A 138 -6.90 30.14 1.63
C ALA A 138 -7.54 31.24 2.49
N ALA A 139 -8.44 30.84 3.37
CA ALA A 139 -9.09 31.83 4.24
C ALA A 139 -8.09 32.52 5.17
N ARG A 140 -7.17 31.74 5.71
CA ARG A 140 -6.15 32.30 6.60
C ARG A 140 -5.22 33.24 5.84
N ALA A 141 -4.84 32.85 4.63
CA ALA A 141 -3.94 33.65 3.81
C ALA A 141 -4.57 35.00 3.47
N LEU A 142 -5.86 34.98 3.12
CA LEU A 142 -6.60 36.19 2.81
C LEU A 142 -6.73 37.06 4.06
N GLU A 143 -7.11 36.43 5.17
CA GLU A 143 -7.19 37.12 6.45
C GLU A 143 -5.87 37.82 6.80
N LEU A 144 -4.75 37.15 6.57
CA LEU A 144 -3.44 37.73 6.91
C LEU A 144 -2.92 38.80 5.93
N TYR A 145 -3.18 38.64 4.63
CA TYR A 145 -2.44 39.42 3.64
C TYR A 145 -3.28 40.21 2.64
N ALA A 146 -4.58 39.90 2.52
CA ALA A 146 -5.39 40.51 1.47
C ALA A 146 -5.99 41.86 1.87
N ASP A 147 -6.20 42.71 0.87
CA ASP A 147 -6.89 43.99 1.07
C ASP A 147 -8.29 43.74 1.61
N ALA A 148 -8.82 44.74 2.32
CA ALA A 148 -10.13 44.63 2.98
C ALA A 148 -11.26 44.29 2.03
N ASP A 149 -11.22 44.86 0.82
CA ASP A 149 -12.29 44.66 -0.14
C ASP A 149 -12.32 43.23 -0.66
N LEU A 150 -11.14 42.64 -0.87
CA LEU A 150 -11.05 41.25 -1.31
C LEU A 150 -11.52 40.32 -0.20
N LYS A 151 -11.09 40.62 1.02
CA LYS A 151 -11.53 39.87 2.20
C LYS A 151 -13.04 39.93 2.34
N ALA A 152 -13.61 41.12 2.12
CA ALA A 152 -15.04 41.33 2.25
C ALA A 152 -15.81 40.51 1.22
N ARG A 153 -15.23 40.34 0.04
CA ARG A 153 -15.88 39.57 -1.01
C ARG A 153 -15.79 38.07 -0.75
N VAL A 154 -14.60 37.59 -0.37
CA VAL A 154 -14.34 36.15 -0.41
C VAL A 154 -14.53 35.42 0.92
N LEU A 155 -14.07 36.00 2.03
CA LEU A 155 -14.16 35.31 3.32
C LEU A 155 -15.58 34.88 3.71
N PRO A 156 -16.61 35.69 3.40
CA PRO A 156 -17.94 35.20 3.78
C PRO A 156 -18.36 33.92 3.05
N HIS A 157 -17.73 33.65 1.92
CA HIS A 157 -17.99 32.42 1.17
C HIS A 157 -17.19 31.26 1.75
N LEU A 158 -15.89 31.46 1.97
CA LEU A 158 -15.03 30.38 2.48
C LEU A 158 -15.48 29.93 3.86
N LEU A 159 -16.00 30.86 4.64
CA LEU A 159 -16.36 30.59 6.03
C LEU A 159 -17.86 30.45 6.24
N SER A 160 -18.61 30.30 5.14
CA SER A 160 -20.07 30.20 5.20
C SER A 160 -20.56 28.88 5.80
N ARG A 161 -21.66 28.94 6.55
CA ARG A 161 -22.32 27.73 7.05
C ARG A 161 -23.55 27.38 6.20
N ASP A 162 -23.76 28.19 5.15
CA ASP A 162 -24.89 28.01 4.26
C ASP A 162 -24.38 27.38 2.97
N PRO A 163 -24.86 26.17 2.64
CA PRO A 163 -24.39 25.46 1.45
C PRO A 163 -24.55 26.28 0.15
N LYS A 164 -25.55 27.17 0.12
CA LYS A 164 -25.82 27.94 -1.09
C LYS A 164 -24.77 29.01 -1.37
N THR A 165 -24.03 29.41 -0.34
CA THR A 165 -23.06 30.50 -0.48
C THR A 165 -21.61 30.01 -0.26
N PHE A 166 -21.46 28.81 0.28
CA PHE A 166 -20.15 28.23 0.59
C PHE A 166 -19.28 28.06 -0.65
N TRP A 167 -18.05 28.56 -0.57
CA TRP A 167 -17.02 28.32 -1.59
C TRP A 167 -15.93 27.44 -1.02
N THR A 168 -15.32 26.64 -1.89
CA THR A 168 -14.05 26.03 -1.56
C THR A 168 -12.98 26.67 -2.42
N ALA A 169 -11.73 26.47 -2.02
CA ALA A 169 -10.59 27.03 -2.71
C ALA A 169 -9.66 25.93 -3.16
N GLY A 170 -8.99 26.14 -4.28
CA GLY A 170 -7.89 25.29 -4.65
C GLY A 170 -6.58 26.00 -4.35
N GLN A 171 -5.50 25.23 -4.28
CA GLN A 171 -4.15 25.76 -4.07
C GLN A 171 -3.31 25.17 -5.20
N TRP A 172 -3.01 26.01 -6.20
CA TRP A 172 -2.39 25.52 -7.42
C TRP A 172 -0.89 25.84 -7.47
N MET A 173 -0.08 24.99 -6.86
CA MET A 173 1.36 25.24 -6.72
C MET A 173 2.24 24.32 -7.55
N THR A 174 1.72 23.17 -7.94
CA THR A 174 2.54 22.19 -8.64
C THR A 174 2.47 22.39 -10.15
N GLU A 175 3.65 22.41 -10.78
CA GLU A 175 3.78 22.41 -12.24
C GLU A 175 4.60 21.18 -12.65
N ARG A 176 4.78 20.95 -13.95
CA ARG A 176 5.48 19.73 -14.39
C ARG A 176 6.94 19.69 -13.93
N THR A 177 7.53 20.87 -13.79
CA THR A 177 8.91 20.97 -13.37
C THR A 177 9.13 20.54 -11.96
N GLY A 178 8.14 20.71 -11.10
CA GLY A 178 8.29 20.31 -9.73
C GLY A 178 7.15 20.71 -8.85
N GLY A 179 7.00 20.00 -7.76
CA GLY A 179 5.96 20.29 -6.81
C GLY A 179 6.55 20.49 -5.45
N SER A 180 7.66 19.82 -5.22
CA SER A 180 8.35 19.99 -3.98
C SER A 180 9.01 21.36 -4.13
N ASP A 181 9.68 21.55 -5.25
CA ASP A 181 10.37 22.80 -5.58
C ASP A 181 9.56 23.59 -6.56
N VAL A 182 9.08 24.74 -6.16
CA VAL A 182 8.22 25.57 -7.01
C VAL A 182 9.03 26.66 -7.73
N SER A 183 10.33 26.72 -7.48
CA SER A 183 11.17 27.77 -8.06
C SER A 183 11.15 27.75 -9.60
N GLY A 184 10.88 26.58 -10.17
CA GLY A 184 10.81 26.42 -11.61
C GLY A 184 9.50 26.83 -12.23
N THR A 185 8.62 27.41 -11.43
CA THR A 185 7.30 27.88 -11.88
C THR A 185 7.41 28.73 -13.17
N SER A 186 6.64 28.34 -14.18
CA SER A 186 6.73 28.95 -15.51
C SER A 186 5.51 29.81 -15.86
N THR A 187 4.54 29.87 -14.95
CA THR A 187 3.32 30.63 -15.18
C THR A 187 3.63 32.13 -15.16
N ASP A 188 3.33 32.81 -16.26
CA ASP A 188 3.61 34.23 -16.39
C ASP A 188 2.39 35.06 -16.01
N ALA A 189 2.62 36.23 -15.43
CA ALA A 189 1.54 37.14 -15.09
C ALA A 189 1.73 38.47 -15.83
N HIS A 190 0.94 38.68 -16.88
CA HIS A 190 0.99 39.92 -17.63
C HIS A 190 0.03 40.91 -17.01
N PRO A 191 0.42 42.20 -16.96
CA PRO A 191 -0.46 43.25 -16.44
C PRO A 191 -1.82 43.23 -17.14
N PHE A 192 -2.89 43.40 -16.35
CA PHE A 192 -4.24 43.31 -16.89
C PHE A 192 -5.06 44.54 -16.52
N THR A 193 -5.64 45.16 -17.56
CA THR A 193 -6.53 46.29 -17.36
C THR A 193 -7.83 45.92 -18.05
N GLY A 194 -8.89 45.81 -17.28
CA GLY A 194 -10.16 45.42 -17.85
C GLY A 194 -11.22 45.20 -16.80
N THR A 195 -12.33 44.63 -17.23
CA THR A 195 -13.41 44.30 -16.32
C THR A 195 -12.99 43.12 -15.43
N SER A 196 -13.30 43.23 -14.15
CA SER A 196 -13.22 42.09 -13.25
C SER A 196 -14.26 42.25 -12.16
N GLU A 197 -14.59 41.17 -11.48
CA GLU A 197 -15.53 41.25 -10.37
C GLU A 197 -14.80 41.28 -9.02
N PHE A 198 -13.48 41.14 -9.06
CA PHE A 198 -12.70 41.09 -7.82
C PHE A 198 -11.42 41.93 -7.89
N GLY A 199 -11.31 42.80 -8.88
CA GLY A 199 -10.16 43.66 -8.98
C GLY A 199 -8.89 42.97 -9.48
N ALA A 200 -9.04 42.14 -10.51
CA ALA A 200 -7.90 41.45 -11.11
C ALA A 200 -6.88 42.44 -11.63
N THR A 201 -5.60 42.12 -11.42
CA THR A 201 -4.50 43.01 -11.79
C THR A 201 -3.64 42.41 -12.90
N HIS A 202 -3.68 41.10 -13.04
CA HIS A 202 -2.85 40.41 -14.01
C HIS A 202 -3.65 39.34 -14.77
N SER A 203 -3.09 38.86 -15.86
CA SER A 203 -3.61 37.66 -16.52
C SER A 203 -2.54 36.57 -16.51
N LEU A 204 -2.95 35.34 -16.21
CA LEU A 204 -1.99 34.25 -16.01
C LEU A 204 -1.92 33.31 -17.20
N HIS A 205 -0.71 32.91 -17.55
CA HIS A 205 -0.46 32.02 -18.67
C HIS A 205 0.52 30.93 -18.27
N GLY A 206 0.02 29.69 -18.15
CA GLY A 206 0.87 28.59 -17.77
C GLY A 206 0.05 27.33 -17.51
N THR A 207 0.73 26.27 -17.08
CA THR A 207 0.06 25.00 -16.84
C THR A 207 0.25 24.54 -15.41
N LYS A 208 -0.85 24.13 -14.77
CA LYS A 208 -0.83 23.66 -13.39
C LYS A 208 -1.09 22.15 -13.41
N TRP A 209 -0.21 21.39 -12.78
CA TRP A 209 -0.05 19.97 -13.13
C TRP A 209 -0.87 19.01 -12.26
N PHE A 210 -1.14 19.41 -11.01
CA PHE A 210 -2.08 18.74 -10.12
C PHE A 210 -2.97 19.84 -9.54
N THR A 211 -4.28 19.80 -9.77
CA THR A 211 -5.22 20.76 -9.17
C THR A 211 -6.51 20.07 -8.78
N SER A 212 -7.35 20.72 -7.98
CA SER A 212 -8.67 20.18 -7.65
C SER A 212 -9.75 20.64 -8.65
N ALA A 213 -9.32 20.84 -9.89
CA ALA A 213 -10.21 21.07 -11.03
C ALA A 213 -11.14 22.26 -10.85
N THR A 214 -12.39 22.13 -11.30
CA THR A 214 -13.30 23.28 -11.28
C THR A 214 -14.47 23.26 -10.30
N THR A 215 -14.43 22.39 -9.29
CA THR A 215 -15.54 22.40 -8.35
C THR A 215 -15.34 23.53 -7.34
N SER A 216 -14.11 24.05 -7.25
CA SER A 216 -13.85 25.17 -6.34
C SER A 216 -14.06 26.49 -7.07
N GLN A 217 -14.53 27.49 -6.34
CA GLN A 217 -14.87 28.79 -6.94
C GLN A 217 -13.68 29.73 -7.05
N MET A 218 -12.68 29.50 -6.21
CA MET A 218 -11.46 30.32 -6.22
C MET A 218 -10.23 29.44 -6.11
N ALA A 219 -9.06 30.04 -6.37
CA ALA A 219 -7.79 29.39 -6.12
C ALA A 219 -6.70 30.41 -5.80
N LEU A 220 -5.70 29.97 -5.07
CA LEU A 220 -4.46 30.73 -4.94
C LEU A 220 -3.38 30.03 -5.74
N THR A 221 -2.50 30.82 -6.36
CA THR A 221 -1.46 30.21 -7.17
C THR A 221 -0.23 31.13 -7.24
N LEU A 222 0.88 30.59 -7.71
CA LEU A 222 2.10 31.38 -7.89
C LEU A 222 2.31 31.66 -9.37
N ALA A 223 2.77 32.86 -9.69
CA ALA A 223 3.12 33.20 -11.06
C ALA A 223 4.24 34.22 -11.09
N ARG A 224 4.88 34.35 -12.25
CA ARG A 224 6.02 35.24 -12.45
C ARG A 224 5.63 36.46 -13.29
N PRO A 225 5.55 37.64 -12.66
CA PRO A 225 5.21 38.86 -13.40
C PRO A 225 6.24 39.16 -14.49
N ASP A 226 5.84 39.94 -15.50
CA ASP A 226 6.68 40.20 -16.67
C ASP A 226 8.11 40.67 -16.36
N GLY A 227 8.30 41.46 -15.31
CA GLY A 227 9.63 41.97 -15.01
C GLY A 227 10.40 41.28 -13.91
N ALA A 228 9.87 40.16 -13.40
CA ALA A 228 10.46 39.52 -12.24
C ALA A 228 11.69 38.65 -12.52
N ALA A 229 12.46 38.43 -11.46
CA ALA A 229 13.66 37.59 -11.45
C ALA A 229 13.33 36.10 -11.65
N PRO A 230 14.33 35.29 -12.03
CA PRO A 230 14.11 33.84 -12.11
C PRO A 230 14.09 33.19 -10.73
N GLY A 231 13.65 31.94 -10.65
CA GLY A 231 13.66 31.23 -9.38
C GLY A 231 12.59 31.70 -8.42
N SER A 232 12.67 31.26 -7.17
CA SER A 232 11.60 31.53 -6.20
C SER A 232 11.29 32.99 -5.83
N ARG A 233 12.25 33.89 -5.96
CA ARG A 233 11.99 35.26 -5.52
C ARG A 233 11.49 36.13 -6.68
N GLY A 234 11.20 35.51 -7.82
CA GLY A 234 10.51 36.20 -8.90
C GLY A 234 9.06 35.79 -8.89
N LEU A 235 8.66 35.03 -7.87
CA LEU A 235 7.30 34.53 -7.76
C LEU A 235 6.45 35.41 -6.83
N SER A 236 5.23 35.73 -7.26
CA SER A 236 4.27 36.43 -6.42
C SER A 236 3.04 35.57 -6.20
N LEU A 237 2.31 35.83 -5.12
CA LEU A 237 1.09 35.10 -4.81
C LEU A 237 -0.13 35.71 -5.50
N PHE A 238 -0.97 34.88 -6.11
CA PHE A 238 -2.14 35.39 -6.84
C PHE A 238 -3.46 34.76 -6.42
N PHE A 239 -4.51 35.58 -6.35
CA PHE A 239 -5.88 35.10 -6.16
C PHE A 239 -6.61 35.13 -7.50
N LEU A 240 -7.40 34.09 -7.77
CA LEU A 240 -8.26 34.08 -8.95
C LEU A 240 -9.59 33.37 -8.71
N GLU A 241 -10.59 33.73 -9.50
CA GLU A 241 -11.86 33.02 -9.48
C GLU A 241 -12.00 32.19 -10.76
N LEU A 242 -12.52 30.99 -10.62
CA LEU A 242 -12.56 30.06 -11.75
C LEU A 242 -13.58 30.44 -12.81
N ARG A 243 -14.72 30.96 -12.38
CA ARG A 243 -15.80 31.28 -13.31
C ARG A 243 -16.27 32.72 -13.22
N ASN A 244 -16.92 33.18 -14.29
CA ASN A 244 -17.54 34.49 -14.30
C ASN A 244 -19.02 34.46 -13.85
N ASP A 245 -19.71 35.59 -13.97
CA ASP A 245 -21.15 35.71 -13.66
C ASP A 245 -22.05 34.59 -14.17
N LYS A 246 -21.88 34.26 -15.44
CA LYS A 246 -22.71 33.29 -16.14
C LYS A 246 -22.31 31.84 -15.88
N GLY A 247 -21.16 31.65 -15.24
CA GLY A 247 -20.70 30.32 -14.88
C GLY A 247 -19.72 29.67 -15.84
N GLU A 248 -19.19 30.45 -16.78
CA GLU A 248 -18.16 29.92 -17.67
C GLU A 248 -16.77 30.14 -17.13
N LEU A 249 -15.88 29.17 -17.41
CA LEU A 249 -14.50 29.23 -16.92
C LEU A 249 -13.81 30.46 -17.49
N ASN A 250 -13.06 31.14 -16.62
CA ASN A 250 -12.33 32.35 -16.96
C ASN A 250 -11.02 32.02 -17.67
N HIS A 251 -11.11 31.66 -18.94
CA HIS A 251 -9.92 31.32 -19.73
C HIS A 251 -9.11 30.23 -19.03
N ILE A 252 -9.81 29.20 -18.58
CA ILE A 252 -9.18 28.02 -17.99
C ILE A 252 -9.59 26.81 -18.78
N GLN A 253 -8.61 26.00 -19.16
CA GLN A 253 -8.87 24.80 -19.94
C GLN A 253 -8.39 23.58 -19.16
N ILE A 254 -9.29 22.61 -18.97
CA ILE A 254 -8.94 21.36 -18.30
C ILE A 254 -8.43 20.34 -19.32
N HIS A 255 -7.24 19.81 -19.10
CA HIS A 255 -6.69 18.82 -20.03
C HIS A 255 -7.31 17.44 -19.82
N ARG A 256 -7.30 16.99 -18.57
CA ARG A 256 -7.86 15.69 -18.22
C ARG A 256 -7.85 15.57 -16.71
N LEU A 257 -8.58 14.57 -16.22
CA LEU A 257 -8.47 14.18 -14.82
C LEU A 257 -7.40 13.10 -14.65
N LYS A 258 -6.72 13.11 -13.50
CA LYS A 258 -5.78 12.04 -13.17
C LYS A 258 -6.54 10.79 -12.76
N ASP A 259 -6.05 9.65 -13.23
CA ASP A 259 -6.53 8.35 -12.79
C ASP A 259 -5.60 7.91 -11.67
N LYS A 260 -6.06 8.04 -10.43
CA LYS A 260 -5.17 7.94 -9.26
C LYS A 260 -5.27 6.60 -8.54
N LEU A 261 -4.21 6.29 -7.78
CA LEU A 261 -4.18 5.10 -6.95
C LEU A 261 -5.40 5.06 -6.01
N GLY A 262 -5.65 6.19 -5.35
CA GLY A 262 -6.79 6.33 -4.48
C GLY A 262 -7.27 7.77 -4.50
N THR A 263 -8.02 8.17 -3.47
CA THR A 263 -8.75 9.44 -3.48
C THR A 263 -9.56 9.56 -4.77
N LYS A 264 -10.16 8.45 -5.21
CA LYS A 264 -10.79 8.40 -6.52
C LYS A 264 -12.04 9.29 -6.67
N ALA A 265 -12.71 9.62 -5.57
CA ALA A 265 -13.86 10.53 -5.66
C ALA A 265 -13.43 11.96 -5.91
N LEU A 266 -12.20 12.29 -5.54
CA LEU A 266 -11.72 13.66 -5.63
C LEU A 266 -11.24 14.00 -7.04
N PRO A 267 -11.82 15.04 -7.66
CA PRO A 267 -11.31 15.46 -8.97
C PRO A 267 -9.92 16.07 -8.87
N THR A 268 -8.95 15.49 -9.55
CA THR A 268 -7.62 16.09 -9.62
C THR A 268 -7.29 16.29 -11.09
N ALA A 269 -7.07 17.53 -11.51
CA ALA A 269 -6.94 17.83 -12.94
C ALA A 269 -5.63 18.51 -13.30
N GLU A 270 -5.23 18.32 -14.56
CA GLU A 270 -4.21 19.12 -15.19
C GLU A 270 -4.94 20.20 -15.97
N LEU A 271 -4.52 21.44 -15.84
CA LEU A 271 -5.20 22.51 -16.57
C LEU A 271 -4.24 23.60 -17.02
N SER A 272 -4.70 24.39 -17.98
CA SER A 272 -3.90 25.52 -18.45
C SER A 272 -4.59 26.83 -18.17
N LEU A 273 -3.82 27.79 -17.68
CA LEU A 273 -4.28 29.15 -17.54
C LEU A 273 -3.97 29.87 -18.84
N GLN A 274 -5.00 30.39 -19.49
CA GLN A 274 -4.82 30.97 -20.81
C GLN A 274 -5.26 32.42 -20.83
N GLY A 275 -4.64 33.21 -19.95
CA GLY A 275 -5.03 34.60 -19.73
C GLY A 275 -6.04 34.74 -18.60
N THR A 276 -5.98 33.83 -17.64
CA THR A 276 -6.88 33.86 -16.49
C THR A 276 -6.64 35.10 -15.64
N PRO A 277 -7.69 35.93 -15.49
CA PRO A 277 -7.56 37.15 -14.68
C PRO A 277 -7.26 36.81 -13.22
N ALA A 278 -6.32 37.53 -12.61
CA ALA A 278 -5.92 37.24 -11.23
C ALA A 278 -5.46 38.50 -10.51
N ARG A 279 -5.46 38.43 -9.19
CA ARG A 279 -5.10 39.58 -8.35
C ARG A 279 -3.91 39.23 -7.46
N MET A 280 -2.86 40.04 -7.55
CA MET A 280 -1.65 39.80 -6.76
C MET A 280 -1.91 40.11 -5.29
N ILE A 281 -1.46 39.19 -4.43
CA ILE A 281 -1.57 39.36 -2.98
C ILE A 281 -0.19 39.46 -2.34
N GLY A 282 0.04 40.55 -1.61
CA GLY A 282 1.37 40.81 -1.09
C GLY A 282 2.15 41.46 -2.22
N GLY A 283 3.46 41.52 -2.07
CA GLY A 283 4.28 42.20 -3.05
C GLY A 283 4.96 41.24 -3.99
N VAL A 284 5.46 41.78 -5.10
CA VAL A 284 6.33 41.06 -6.01
C VAL A 284 7.45 40.36 -5.25
N GLY A 285 7.63 39.08 -5.51
CA GLY A 285 8.76 38.35 -4.95
C GLY A 285 8.45 37.68 -3.63
N GLU A 286 7.27 37.96 -3.08
CA GLU A 286 6.91 37.46 -1.75
C GLU A 286 6.04 36.20 -1.77
N GLY A 287 5.73 35.71 -2.95
CA GLY A 287 4.79 34.61 -3.09
C GLY A 287 5.06 33.37 -2.27
N VAL A 288 6.29 32.88 -2.34
CA VAL A 288 6.64 31.64 -1.66
C VAL A 288 6.53 31.76 -0.14
N LYS A 289 6.96 32.87 0.44
CA LYS A 289 6.90 32.93 1.90
C LYS A 289 5.49 33.23 2.38
N ARG A 290 4.65 33.85 1.56
CA ARG A 290 3.29 34.08 1.99
C ARG A 290 2.48 32.80 1.92
N ILE A 291 2.74 31.97 0.92
CA ILE A 291 1.97 30.75 0.77
C ILE A 291 2.38 29.74 1.85
N ALA A 292 3.51 30.00 2.52
CA ALA A 292 3.98 29.14 3.60
C ALA A 292 2.97 29.01 4.75
N SER A 293 2.06 29.98 4.87
CA SER A 293 1.06 29.93 5.93
C SER A 293 -0.18 29.14 5.47
N VAL A 294 -0.30 28.90 4.17
CA VAL A 294 -1.29 27.96 3.67
C VAL A 294 -0.81 26.52 3.95
N LEU A 295 0.48 26.28 3.73
CA LEU A 295 1.08 24.96 3.96
C LEU A 295 0.94 24.49 5.41
N ASN A 296 1.18 25.39 6.36
CA ASN A 296 1.10 25.00 7.77
C ASN A 296 -0.29 24.47 8.15
N ILE A 297 -1.33 25.10 7.63
CA ILE A 297 -2.69 24.65 7.91
C ILE A 297 -3.00 23.37 7.15
N THR A 298 -2.62 23.29 5.87
CA THR A 298 -2.93 22.08 5.11
C THR A 298 -2.15 20.89 5.67
N ARG A 299 -0.96 21.14 6.19
CA ARG A 299 -0.20 20.02 6.75
C ARG A 299 -0.81 19.51 8.06
N ILE A 300 -1.43 20.38 8.83
CA ILE A 300 -2.07 19.91 10.05
C ILE A 300 -3.43 19.24 9.69
N TYR A 301 -4.13 19.74 8.67
CA TYR A 301 -5.29 19.01 8.16
C TYR A 301 -4.92 17.60 7.74
N ASN A 302 -3.83 17.50 6.98
CA ASN A 302 -3.39 16.21 6.47
C ASN A 302 -3.17 15.23 7.61
N SER A 303 -2.53 15.71 8.68
CA SER A 303 -2.22 14.89 9.84
C SER A 303 -3.50 14.36 10.51
N ILE A 304 -4.41 15.28 10.78
CA ILE A 304 -5.68 14.93 11.44
C ILE A 304 -6.48 13.95 10.57
N CYS A 305 -6.48 14.19 9.26
CA CYS A 305 -7.17 13.28 8.35
C CYS A 305 -6.53 11.91 8.34
N ALA A 306 -5.20 11.88 8.42
CA ALA A 306 -4.46 10.62 8.44
C ALA A 306 -4.75 9.84 9.72
N VAL A 307 -4.91 10.54 10.84
CA VAL A 307 -5.21 9.86 12.10
C VAL A 307 -6.69 9.43 12.14
N GLY A 308 -7.58 10.23 11.55
CA GLY A 308 -8.96 9.80 11.40
C GLY A 308 -9.05 8.55 10.51
N HIS A 309 -8.19 8.51 9.51
CA HIS A 309 -8.09 7.34 8.64
C HIS A 309 -7.61 6.10 9.42
N ILE A 310 -6.58 6.27 10.23
CA ILE A 310 -6.13 5.19 11.14
C ILE A 310 -7.28 4.67 12.00
N ARG A 311 -8.01 5.60 12.61
CA ARG A 311 -9.11 5.22 13.50
C ARG A 311 -10.18 4.42 12.75
N ARG A 312 -10.49 4.82 11.51
CA ARG A 312 -11.48 4.10 10.71
C ARG A 312 -10.99 2.68 10.37
N ALA A 313 -9.74 2.54 9.93
CA ALA A 313 -9.18 1.23 9.64
C ALA A 313 -9.20 0.34 10.89
N LEU A 314 -8.86 0.91 12.05
CA LEU A 314 -8.84 0.12 13.26
C LEU A 314 -10.25 -0.21 13.73
N ASP A 315 -11.21 0.69 13.52
CA ASP A 315 -12.59 0.38 13.93
C ASP A 315 -13.13 -0.82 13.16
N LEU A 316 -12.83 -0.85 11.86
CA LEU A 316 -13.25 -1.97 11.03
C LEU A 316 -12.53 -3.26 11.45
N ALA A 317 -11.24 -3.15 11.72
CA ALA A 317 -10.46 -4.32 12.13
C ALA A 317 -10.91 -4.86 13.49
N GLN A 318 -11.16 -3.96 14.44
CA GLN A 318 -11.60 -4.37 15.77
C GLN A 318 -12.93 -5.10 15.69
N ASP A 319 -13.85 -4.54 14.91
CA ASP A 319 -15.18 -5.15 14.79
C ASP A 319 -15.07 -6.52 14.12
N TYR A 320 -14.28 -6.60 13.06
CA TYR A 320 -14.10 -7.89 12.37
C TYR A 320 -13.50 -8.93 13.29
N SER A 321 -12.58 -8.47 14.16
CA SER A 321 -11.86 -9.39 15.04
C SER A 321 -12.77 -10.03 16.09
N GLY A 322 -13.93 -9.43 16.32
CA GLY A 322 -14.94 -10.01 17.19
C GLY A 322 -15.98 -10.86 16.46
N LYS A 323 -15.80 -11.06 15.15
CA LYS A 323 -16.78 -11.82 14.34
C LYS A 323 -16.16 -12.97 13.54
N ARG A 324 -14.89 -12.82 13.19
CA ARG A 324 -14.18 -13.86 12.43
C ARG A 324 -13.51 -14.87 13.35
N GLN A 325 -13.76 -16.15 13.12
CA GLN A 325 -13.13 -17.21 13.88
C GLN A 325 -12.13 -17.94 13.01
N ALA A 326 -11.07 -18.43 13.64
CA ALA A 326 -10.14 -19.34 12.99
C ALA A 326 -9.56 -20.27 14.04
N PHE A 327 -9.43 -21.54 13.68
CA PHE A 327 -8.86 -22.53 14.59
C PHE A 327 -9.59 -22.55 15.93
N GLY A 328 -10.90 -22.34 15.91
CA GLY A 328 -11.69 -22.50 17.13
C GLY A 328 -11.93 -21.24 17.95
N LYS A 329 -11.19 -20.18 17.63
CA LYS A 329 -11.28 -18.94 18.41
C LYS A 329 -11.58 -17.74 17.52
N LEU A 330 -12.28 -16.75 18.09
CA LEU A 330 -12.38 -15.42 17.46
C LEU A 330 -10.99 -14.83 17.35
N LEU A 331 -10.75 -14.05 16.30
CA LEU A 331 -9.42 -13.51 16.06
C LEU A 331 -8.90 -12.73 17.25
N LYS A 332 -9.79 -11.94 17.87
CA LYS A 332 -9.39 -11.10 19.00
C LYS A 332 -8.90 -11.93 20.16
N ASP A 333 -9.22 -13.23 20.17
CA ASP A 333 -8.82 -14.12 21.24
C ASP A 333 -7.56 -14.94 20.93
N HIS A 334 -6.94 -14.72 19.78
CA HIS A 334 -5.64 -15.28 19.49
C HIS A 334 -4.56 -14.31 19.94
N PRO A 335 -3.69 -14.74 20.87
CA PRO A 335 -2.69 -13.87 21.48
C PRO A 335 -1.83 -13.10 20.45
N LEU A 336 -1.42 -13.74 19.36
CA LEU A 336 -0.64 -13.03 18.36
C LEU A 336 -1.48 -11.95 17.65
N HIS A 337 -2.73 -12.28 17.33
CA HIS A 337 -3.59 -11.31 16.67
C HIS A 337 -3.88 -10.12 17.59
N LYS A 338 -4.19 -10.41 18.84
CA LYS A 338 -4.46 -9.36 19.83
C LYS A 338 -3.24 -8.44 20.03
N SER A 339 -2.06 -9.04 20.11
CA SER A 339 -0.82 -8.27 20.26
C SER A 339 -0.58 -7.35 19.06
N THR A 340 -0.92 -7.83 17.86
CA THR A 340 -0.79 -6.97 16.69
C THR A 340 -1.78 -5.79 16.77
N LEU A 341 -3.04 -6.08 17.09
CA LEU A 341 -4.03 -5.01 17.25
C LEU A 341 -3.60 -4.01 18.32
N ASP A 342 -3.11 -4.53 19.44
CA ASP A 342 -2.69 -3.65 20.55
C ASP A 342 -1.59 -2.70 20.11
N SER A 343 -0.66 -3.22 19.31
CA SER A 343 0.46 -2.44 18.82
C SER A 343 -0.02 -1.32 17.89
N LEU A 344 -0.97 -1.64 17.03
CA LEU A 344 -1.54 -0.64 16.13
C LEU A 344 -2.31 0.44 16.91
N GLU A 345 -3.07 0.01 17.90
CA GLU A 345 -3.81 0.96 18.72
C GLU A 345 -2.84 1.87 19.48
N ALA A 346 -1.71 1.32 19.92
CA ALA A 346 -0.72 2.15 20.63
C ALA A 346 -0.16 3.24 19.71
N ASP A 347 0.08 2.87 18.45
CA ASP A 347 0.51 3.84 17.45
C ASP A 347 -0.56 4.90 17.22
N PHE A 348 -1.81 4.47 17.14
CA PHE A 348 -2.91 5.41 17.00
C PHE A 348 -2.91 6.42 18.16
N ARG A 349 -2.72 5.95 19.39
CA ARG A 349 -2.80 6.86 20.54
C ARG A 349 -1.70 7.91 20.48
N LYS A 350 -0.51 7.50 20.06
CA LYS A 350 0.56 8.48 19.85
C LYS A 350 0.17 9.51 18.80
N CYS A 351 -0.39 9.04 17.69
CA CYS A 351 -0.75 9.92 16.58
C CYS A 351 -1.82 10.92 16.97
N ILE A 352 -2.86 10.46 17.67
CA ILE A 352 -3.96 11.39 17.92
C ILE A 352 -3.52 12.40 18.99
N ALA A 353 -2.74 11.96 19.98
CA ALA A 353 -2.26 12.92 21.01
C ALA A 353 -1.34 13.96 20.39
N PHE A 354 -0.39 13.50 19.56
CA PHE A 354 0.55 14.39 18.86
C PHE A 354 -0.22 15.41 18.01
N SER A 355 -1.21 14.93 17.27
CA SER A 355 -1.98 15.79 16.37
C SER A 355 -2.70 16.91 17.11
N PHE A 356 -3.36 16.57 18.21
CA PHE A 356 -4.13 17.58 18.92
C PHE A 356 -3.23 18.48 19.76
N PHE A 357 -2.06 17.98 20.15
CA PHE A 357 -1.07 18.83 20.80
C PHE A 357 -0.68 19.97 19.85
N VAL A 358 -0.42 19.62 18.58
CA VAL A 358 -0.06 20.61 17.58
C VAL A 358 -1.24 21.51 17.20
N ALA A 359 -2.45 20.94 17.12
CA ALA A 359 -3.65 21.73 16.81
C ALA A 359 -3.84 22.78 17.88
N ASN A 360 -3.56 22.41 19.13
CA ASN A 360 -3.68 23.39 20.22
C ASN A 360 -2.67 24.51 20.02
N LEU A 361 -1.45 24.16 19.63
CA LEU A 361 -0.41 25.16 19.36
C LEU A 361 -0.84 26.09 18.23
N LEU A 362 -1.45 25.52 17.20
CA LEU A 362 -1.94 26.31 16.09
C LEU A 362 -3.02 27.31 16.55
N GLY A 363 -3.94 26.83 17.37
CA GLY A 363 -4.99 27.69 17.88
C GLY A 363 -4.41 28.84 18.70
N GLN A 364 -3.40 28.50 19.52
CA GLN A 364 -2.75 29.51 20.34
C GLN A 364 -2.14 30.63 19.50
N GLU A 365 -1.50 30.26 18.39
CA GLU A 365 -0.87 31.25 17.53
C GLU A 365 -1.91 32.09 16.82
N GLU A 366 -3.02 31.48 16.41
CA GLU A 366 -4.06 32.20 15.65
C GLU A 366 -4.82 33.21 16.51
N VAL A 367 -4.81 33.04 17.83
CA VAL A 367 -5.48 34.02 18.70
C VAL A 367 -4.47 34.93 19.40
N GLY A 368 -3.20 34.83 19.00
CA GLY A 368 -2.18 35.73 19.52
C GLY A 368 -1.72 35.44 20.93
N GLU A 369 -1.90 34.21 21.39
CA GLU A 369 -1.55 33.87 22.76
C GLU A 369 -0.39 32.90 22.89
N ALA A 370 0.28 32.61 21.77
CA ALA A 370 1.40 31.67 21.81
C ALA A 370 2.66 32.42 22.27
N SER A 371 3.41 31.79 23.17
CA SER A 371 4.71 32.31 23.59
C SER A 371 5.69 32.21 22.43
N ALA A 372 6.85 32.86 22.54
CA ALA A 372 7.87 32.75 21.49
C ALA A 372 8.26 31.29 21.31
N SER A 373 8.36 30.57 22.41
CA SER A 373 8.73 29.16 22.39
C SER A 373 7.65 28.33 21.72
N GLU A 374 6.39 28.65 22.00
CA GLU A 374 5.28 27.89 21.40
C GLU A 374 5.18 28.11 19.89
N LYS A 375 5.50 29.32 19.45
CA LYS A 375 5.49 29.61 18.01
C LYS A 375 6.59 28.82 17.32
N ILE A 376 7.75 28.71 17.96
CA ILE A 376 8.86 27.95 17.39
C ILE A 376 8.54 26.46 17.40
N LEU A 377 7.94 25.98 18.47
CA LEU A 377 7.49 24.58 18.54
C LEU A 377 6.50 24.26 17.43
N LEU A 378 5.53 25.16 17.20
CA LEU A 378 4.57 24.94 16.12
C LEU A 378 5.27 24.79 14.77
N ARG A 379 6.22 25.69 14.51
CA ARG A 379 6.98 25.70 13.25
C ARG A 379 7.78 24.43 13.02
N VAL A 380 8.45 23.95 14.07
CA VAL A 380 9.26 22.73 13.99
C VAL A 380 8.40 21.47 13.95
N LEU A 381 7.33 21.45 14.75
CA LEU A 381 6.57 20.20 14.88
C LEU A 381 5.60 19.94 13.75
N THR A 382 5.24 20.99 13.01
CA THR A 382 4.24 20.81 11.95
C THR A 382 4.71 19.84 10.85
N PRO A 383 5.93 20.04 10.28
CA PRO A 383 6.30 19.05 9.25
C PRO A 383 6.50 17.68 9.86
N ILE A 384 6.95 17.62 11.10
CA ILE A 384 7.22 16.36 11.77
C ILE A 384 5.92 15.59 11.98
N LEU A 385 4.92 16.31 12.49
CA LEU A 385 3.60 15.69 12.67
C LEU A 385 3.08 15.09 11.38
N LYS A 386 3.21 15.89 10.32
CA LYS A 386 2.68 15.48 9.02
C LYS A 386 3.37 14.21 8.54
N LEU A 387 4.69 14.16 8.52
CA LEU A 387 5.37 12.95 7.98
C LEU A 387 5.20 11.74 8.91
N TYR A 388 5.09 11.98 10.21
CA TYR A 388 4.95 10.92 11.19
C TYR A 388 3.61 10.21 11.08
N THR A 389 2.53 10.99 11.14
CA THR A 389 1.20 10.41 11.09
C THR A 389 0.94 9.79 9.72
N ALA A 390 1.51 10.36 8.66
CA ALA A 390 1.32 9.78 7.32
C ALA A 390 1.92 8.37 7.22
N LYS A 391 3.16 8.21 7.67
CA LYS A 391 3.81 6.89 7.61
C LYS A 391 3.04 5.90 8.47
N LYS A 392 2.63 6.34 9.65
CA LYS A 392 1.84 5.46 10.54
C LYS A 392 0.54 5.04 9.87
N SER A 393 -0.12 5.97 9.17
CA SER A 393 -1.42 5.62 8.59
C SER A 393 -1.24 4.58 7.47
N ILE A 394 -0.13 4.65 6.73
CA ILE A 394 0.11 3.67 5.67
C ILE A 394 0.42 2.27 6.26
N HIS A 395 1.27 2.26 7.28
CA HIS A 395 1.64 1.03 7.99
C HIS A 395 0.41 0.36 8.56
N ILE A 396 -0.40 1.13 9.30
CA ILE A 396 -1.61 0.59 9.91
C ILE A 396 -2.65 0.13 8.87
N SER A 397 -2.84 0.90 7.79
CA SER A 397 -3.77 0.48 6.74
C SER A 397 -3.33 -0.82 6.10
N SER A 398 -2.04 -0.97 5.84
CA SER A 398 -1.54 -2.21 5.26
C SER A 398 -1.74 -3.40 6.21
N GLU A 399 -1.48 -3.20 7.50
CA GLU A 399 -1.68 -4.30 8.46
C GLU A 399 -3.16 -4.64 8.54
N VAL A 400 -4.03 -3.63 8.48
CA VAL A 400 -5.47 -3.90 8.55
C VAL A 400 -5.93 -4.66 7.30
N VAL A 401 -5.44 -4.27 6.12
CA VAL A 401 -5.77 -5.03 4.91
C VAL A 401 -5.43 -6.50 5.12
N GLU A 402 -4.26 -6.77 5.68
CA GLU A 402 -3.81 -8.15 5.88
C GLU A 402 -4.62 -8.85 6.98
N MET A 403 -5.07 -8.09 7.98
CA MET A 403 -5.91 -8.67 9.02
C MET A 403 -7.23 -9.20 8.48
N PHE A 404 -7.69 -8.69 7.34
CA PHE A 404 -8.91 -9.22 6.73
C PHE A 404 -8.63 -10.44 5.82
N GLY A 405 -7.37 -10.81 5.68
CA GLY A 405 -7.02 -11.97 4.87
C GLY A 405 -7.36 -11.72 3.39
N GLY A 406 -7.79 -12.77 2.69
CA GLY A 406 -8.15 -12.62 1.27
C GLY A 406 -9.19 -11.55 1.01
N ALA A 407 -10.17 -11.47 1.89
CA ALA A 407 -11.21 -10.45 1.80
C ALA A 407 -10.62 -9.04 1.80
N GLY A 408 -9.50 -8.86 2.50
CA GLY A 408 -8.85 -7.56 2.57
C GLY A 408 -8.35 -7.09 1.21
N TYR A 409 -8.15 -8.03 0.29
CA TYR A 409 -7.55 -7.72 -1.02
C TYR A 409 -8.59 -7.56 -2.12
N VAL A 410 -9.87 -7.68 -1.75
CA VAL A 410 -10.94 -7.66 -2.76
C VAL A 410 -11.74 -6.37 -2.60
N GLU A 411 -11.86 -5.61 -3.69
CA GLU A 411 -12.36 -4.24 -3.56
C GLU A 411 -13.80 -4.11 -3.04
N ASP A 412 -14.71 -5.06 -3.35
CA ASP A 412 -16.09 -4.82 -2.93
C ASP A 412 -16.33 -4.95 -1.40
N THR A 413 -15.33 -5.41 -0.64
CA THR A 413 -15.42 -5.38 0.82
C THR A 413 -15.18 -3.98 1.39
N GLY A 414 -14.60 -3.09 0.57
CA GLY A 414 -14.27 -1.74 1.01
C GLY A 414 -12.92 -1.64 1.70
N ILE A 415 -12.25 -2.77 1.90
CA ILE A 415 -11.00 -2.78 2.68
C ILE A 415 -9.75 -2.33 1.89
N PRO A 416 -9.58 -2.77 0.61
CA PRO A 416 -8.38 -2.27 -0.09
C PRO A 416 -8.25 -0.74 -0.19
N ARG A 417 -9.39 -0.05 -0.22
CA ARG A 417 -9.42 1.41 -0.27
C ARG A 417 -8.62 1.99 0.87
N LEU A 418 -8.58 1.30 2.01
CA LEU A 418 -7.84 1.83 3.17
C LEU A 418 -6.36 2.05 2.81
N LEU A 419 -5.75 1.10 2.11
CA LEU A 419 -4.35 1.27 1.73
C LEU A 419 -4.20 2.26 0.57
N ARG A 420 -5.07 2.16 -0.45
CA ARG A 420 -4.96 3.02 -1.63
C ARG A 420 -5.06 4.50 -1.24
N ASP A 421 -6.02 4.79 -0.36
CA ASP A 421 -6.18 6.17 0.12
C ASP A 421 -5.03 6.58 1.07
N ALA A 422 -4.60 5.69 1.97
CA ALA A 422 -3.59 6.09 2.97
C ALA A 422 -2.31 6.50 2.31
N GLN A 423 -1.95 5.86 1.21
CA GLN A 423 -0.69 6.15 0.53
C GLN A 423 -0.62 7.63 0.10
N VAL A 424 -1.76 8.30 -0.11
CA VAL A 424 -1.69 9.72 -0.50
C VAL A 424 -1.07 10.59 0.61
N PHE A 425 -1.23 10.19 1.86
CA PHE A 425 -0.94 11.10 2.97
C PHE A 425 0.54 11.45 3.09
N SER A 426 1.42 10.58 2.59
CA SER A 426 2.85 10.80 2.69
C SER A 426 3.37 11.51 1.44
N ILE A 427 2.46 11.92 0.57
CA ILE A 427 2.88 12.51 -0.69
C ILE A 427 2.37 13.94 -0.87
N TRP A 428 1.08 14.15 -0.61
N TRP A 428 1.08 14.18 -0.75
CA TRP A 428 0.45 15.46 -0.78
CA TRP A 428 0.67 15.54 -1.05
C TRP A 428 0.99 16.46 0.24
C TRP A 428 0.96 16.44 0.15
N GLU A 429 1.17 17.70 -0.17
CA GLU A 429 1.75 18.73 0.72
C GLU A 429 3.11 18.36 1.33
N GLY A 430 3.87 17.54 0.60
CA GLY A 430 5.25 17.23 0.96
C GLY A 430 5.55 15.79 1.29
N THR A 431 6.57 15.23 0.65
CA THR A 431 6.99 13.85 0.96
C THR A 431 7.74 13.78 2.30
N THR A 432 7.96 12.55 2.79
CA THR A 432 8.66 12.34 4.06
C THR A 432 10.01 13.07 4.04
N ASN A 433 10.76 12.90 2.96
CA ASN A 433 12.06 13.52 2.88
C ASN A 433 12.01 15.04 2.75
N VAL A 434 11.05 15.57 1.98
CA VAL A 434 10.93 17.02 1.84
C VAL A 434 10.60 17.68 3.18
N LEU A 435 9.71 17.05 3.95
CA LEU A 435 9.33 17.57 5.26
C LEU A 435 10.43 17.36 6.32
N SER A 436 11.18 16.28 6.20
CA SER A 436 12.35 16.05 7.08
C SER A 436 13.39 17.15 6.90
N LEU A 437 13.58 17.56 5.66
CA LEU A 437 14.50 18.67 5.38
C LEU A 437 13.94 20.00 5.86
N ASP A 438 12.62 20.19 5.75
CA ASP A 438 11.99 21.42 6.27
C ASP A 438 12.19 21.50 7.78
N MET A 439 12.12 20.34 8.44
CA MET A 439 12.44 20.29 9.87
C MET A 439 13.87 20.73 10.14
N LEU A 440 14.82 20.19 9.38
CA LEU A 440 16.23 20.55 9.60
C LEU A 440 16.46 22.04 9.37
N ARG A 441 15.73 22.62 8.43
CA ARG A 441 15.82 24.06 8.20
C ARG A 441 15.09 24.90 9.25
N ALA A 442 14.03 24.39 9.84
CA ALA A 442 13.42 25.07 10.98
C ALA A 442 14.44 25.18 12.12
N PHE A 443 15.27 24.15 12.28
CA PHE A 443 16.29 24.15 13.34
C PHE A 443 17.29 25.30 13.22
N GLU A 444 17.55 25.75 12.01
CA GLU A 444 18.63 26.73 11.80
C GLU A 444 18.22 28.17 12.12
N LYS A 445 16.97 28.37 12.52
CA LYS A 445 16.49 29.71 12.83
C LYS A 445 15.96 29.87 14.25
N ASP A 446 16.20 31.04 14.83
CA ASP A 446 15.66 31.39 16.13
C ASP A 446 16.00 30.40 17.25
N GLN A 447 17.16 29.76 17.14
CA GLN A 447 17.66 28.85 18.17
C GLN A 447 16.73 27.64 18.31
N ALA A 448 16.01 27.30 17.25
CA ALA A 448 14.89 26.36 17.33
C ALA A 448 15.27 24.97 17.84
N GLY A 449 16.45 24.50 17.47
CA GLY A 449 16.92 23.21 17.94
C GLY A 449 17.07 23.24 19.45
N GLN A 450 17.52 24.37 19.96
CA GLN A 450 17.72 24.48 21.40
C GLN A 450 16.39 24.65 22.13
N ILE A 451 15.43 25.34 21.52
CA ILE A 451 14.11 25.47 22.13
C ILE A 451 13.40 24.12 22.19
N LEU A 452 13.59 23.32 21.15
CA LEU A 452 13.02 21.98 21.17
C LEU A 452 13.68 21.13 22.25
N GLU A 453 15.01 21.20 22.33
CA GLU A 453 15.74 20.44 23.34
C GLU A 453 15.30 20.82 24.75
N GLN A 454 15.17 22.12 25.00
CA GLN A 454 14.74 22.59 26.32
C GLN A 454 13.35 22.08 26.69
N PHE A 455 12.46 22.01 25.70
CA PHE A 455 11.13 21.49 25.88
C PHE A 455 11.14 20.00 26.24
N LEU A 456 11.95 19.22 25.53
CA LEU A 456 12.04 17.79 25.79
C LEU A 456 12.70 17.52 27.15
N VAL A 457 13.73 18.31 27.49
CA VAL A 457 14.39 18.18 28.80
C VAL A 457 13.41 18.54 29.93
N LEU A 458 12.63 19.59 29.72
CA LEU A 458 11.68 20.03 30.74
C LEU A 458 10.57 19.02 30.96
N ASN A 459 10.10 18.38 29.89
CA ASN A 459 8.91 17.57 30.04
C ASN A 459 9.17 16.08 30.19
N GLU A 460 10.25 15.57 29.60
CA GLU A 460 10.66 14.19 29.82
C GLU A 460 12.14 13.97 29.51
N ALA A 461 13.01 14.41 30.41
CA ALA A 461 14.44 14.29 30.20
C ALA A 461 14.88 12.84 30.04
N GLY A 462 14.26 11.94 30.80
CA GLY A 462 14.60 10.52 30.81
C GLY A 462 14.14 9.63 29.67
N SER A 463 13.63 10.19 28.57
CA SER A 463 13.12 9.33 27.50
C SER A 463 14.26 8.69 26.72
N GLU A 464 14.02 7.51 26.16
CA GLU A 464 15.06 6.88 25.34
C GLU A 464 15.27 7.68 24.06
N GLU A 465 14.21 8.34 23.59
CA GLU A 465 14.34 9.13 22.36
C GLU A 465 15.28 10.32 22.48
N LEU A 466 15.20 11.03 23.60
CA LEU A 466 16.01 12.24 23.77
C LEU A 466 17.50 11.93 23.72
N VAL A 467 17.93 10.89 24.43
CA VAL A 467 19.35 10.54 24.46
C VAL A 467 19.91 10.26 23.07
N ARG A 468 19.24 9.41 22.32
CA ARG A 468 19.58 9.14 20.93
C ARG A 468 19.52 10.40 20.05
N LEU A 469 18.49 11.21 20.24
CA LEU A 469 18.29 12.44 19.49
C LEU A 469 19.44 13.43 19.69
N GLN A 470 19.88 13.60 20.94
CA GLN A 470 20.97 14.54 21.22
C GLN A 470 22.24 14.14 20.48
N LYS A 471 22.53 12.84 20.44
CA LYS A 471 23.73 12.36 19.74
C LYS A 471 23.64 12.63 18.24
N LEU A 472 22.44 12.52 17.68
CA LEU A 472 22.28 12.75 16.24
C LEU A 472 22.42 14.23 15.93
N LEU A 473 21.95 15.08 16.83
CA LEU A 473 21.94 16.51 16.59
C LEU A 473 23.35 17.13 16.71
N THR A 474 24.32 16.34 17.16
CA THR A 474 25.70 16.83 17.22
C THR A 474 26.44 16.54 15.94
N LEU A 475 25.85 15.73 15.06
CA LEU A 475 26.53 15.33 13.82
C LEU A 475 26.67 16.50 12.83
N SER A 476 27.50 16.30 11.81
CA SER A 476 27.69 17.28 10.74
C SER A 476 26.40 17.60 9.97
N GLY A 477 26.43 18.69 9.20
CA GLY A 477 25.31 19.09 8.36
C GLY A 477 24.80 18.00 7.42
N GLU A 478 25.68 17.39 6.65
CA GLU A 478 25.21 16.44 5.66
C GLU A 478 24.87 15.13 6.35
N GLN A 479 25.53 14.82 7.47
CA GLN A 479 25.18 13.61 8.22
C GLN A 479 23.83 13.76 8.89
N LYS A 480 23.48 14.98 9.30
CA LYS A 480 22.17 15.24 9.87
C LYS A 480 21.09 15.06 8.77
N GLU A 481 21.40 15.51 7.58
CA GLU A 481 20.53 15.31 6.41
C GLU A 481 20.31 13.83 6.13
N GLN A 482 21.39 13.06 6.18
CA GLN A 482 21.30 11.63 5.94
C GLN A 482 20.43 10.95 6.99
N HIS A 483 20.49 11.47 8.21
CA HIS A 483 19.74 10.92 9.34
C HIS A 483 18.45 11.69 9.61
N ALA A 484 18.04 12.55 8.68
CA ALA A 484 16.91 13.44 8.96
C ALA A 484 15.61 12.70 9.32
N ARG A 485 15.35 11.56 8.69
CA ARG A 485 14.13 10.82 9.02
C ARG A 485 14.16 10.31 10.44
N GLU A 486 15.30 9.73 10.82
CA GLU A 486 15.45 9.16 12.16
C GLU A 486 15.25 10.25 13.20
N ILE A 487 15.83 11.42 12.95
CA ILE A 487 15.68 12.58 13.83
C ILE A 487 14.22 12.97 13.95
N ALA A 488 13.52 13.02 12.82
CA ALA A 488 12.11 13.41 12.80
C ALA A 488 11.26 12.44 13.63
N PHE A 489 11.49 11.14 13.48
CA PHE A 489 10.65 10.17 14.19
C PHE A 489 10.97 10.10 15.68
N LEU A 490 12.24 10.31 16.06
CA LEU A 490 12.61 10.40 17.46
C LEU A 490 11.86 11.57 18.13
N ILE A 491 11.86 12.72 17.47
CA ILE A 491 11.15 13.89 18.02
C ILE A 491 9.65 13.61 18.08
N GLY A 492 9.11 13.07 16.99
CA GLY A 492 7.68 12.77 16.92
C GLY A 492 7.25 11.82 18.05
N ASN A 493 8.04 10.77 18.26
CA ASN A 493 7.75 9.84 19.35
C ASN A 493 7.91 10.48 20.73
N ALA A 494 8.95 11.27 20.92
CA ALA A 494 9.15 11.97 22.19
C ALA A 494 7.98 12.90 22.50
N VAL A 495 7.56 13.68 21.51
CA VAL A 495 6.45 14.61 21.69
C VAL A 495 5.12 13.86 21.86
N ALA A 496 4.94 12.76 21.13
CA ALA A 496 3.70 11.98 21.28
C ALA A 496 3.55 11.47 22.71
N ARG A 497 4.64 10.96 23.27
CA ARG A 497 4.64 10.47 24.66
C ARG A 497 4.26 11.60 25.64
N ILE A 498 4.85 12.77 25.44
CA ILE A 498 4.56 13.93 26.30
C ILE A 498 3.09 14.33 26.20
N ALA A 499 2.55 14.30 25.00
CA ALA A 499 1.17 14.67 24.78
C ALA A 499 0.21 13.62 25.35
N MET A 500 0.55 12.35 25.23
CA MET A 500 -0.27 11.28 25.77
C MET A 500 -0.38 11.41 27.29
N LYS A 501 0.75 11.73 27.94
CA LYS A 501 0.73 11.95 29.38
C LYS A 501 -0.13 13.15 29.74
N LYS A 502 -0.01 14.21 28.96
CA LYS A 502 -0.76 15.44 29.22
C LYS A 502 -2.28 15.22 29.14
N TYR A 503 -2.70 14.31 28.27
CA TYR A 503 -4.14 14.04 28.05
C TYR A 503 -4.64 12.77 28.74
N SER A 504 -3.77 12.13 29.52
CA SER A 504 -4.08 10.89 30.25
C SER A 504 -4.50 9.74 29.35
N LEU A 505 -3.81 9.55 28.23
CA LEU A 505 -4.11 8.48 27.30
C LEU A 505 -3.37 7.20 27.65
N ASN B 3 6.90 22.89 -23.11
CA ASN B 3 8.27 23.29 -22.81
C ASN B 3 9.02 22.12 -22.14
N PHE B 4 9.10 22.15 -20.80
CA PHE B 4 9.74 21.07 -20.06
C PHE B 4 8.83 19.86 -19.90
N TYR B 5 9.35 18.67 -20.20
CA TYR B 5 8.67 17.43 -19.86
C TYR B 5 9.64 16.45 -19.19
N GLN B 6 9.21 15.87 -18.09
CA GLN B 6 10.06 14.92 -17.37
C GLN B 6 10.20 13.61 -18.14
N ASP B 7 11.43 13.12 -18.25
CA ASP B 7 11.67 11.78 -18.76
C ASP B 7 11.33 10.75 -17.69
N GLY B 8 10.53 9.76 -18.05
CA GLY B 8 10.14 8.71 -17.12
C GLY B 8 11.16 7.59 -17.04
N PRO B 9 10.99 6.68 -16.06
CA PRO B 9 11.98 5.62 -15.85
C PRO B 9 12.02 4.59 -16.98
N GLN B 10 13.21 4.04 -17.22
CA GLN B 10 13.46 3.02 -18.24
C GLN B 10 14.21 1.86 -17.63
N LEU B 11 13.96 0.66 -18.12
CA LEU B 11 14.63 -0.52 -17.64
C LEU B 11 15.71 -0.96 -18.61
N SER B 12 16.61 -1.79 -18.16
CA SER B 12 17.66 -2.33 -18.97
C SER B 12 17.73 -3.80 -18.64
N ASN B 13 18.41 -4.62 -19.45
CA ASN B 13 18.46 -6.07 -19.25
C ASN B 13 18.66 -6.42 -17.80
N THR B 14 17.70 -7.15 -17.28
CA THR B 14 17.60 -7.50 -15.88
C THR B 14 18.55 -8.50 -15.33
N PHE B 15 19.28 -9.17 -16.20
CA PHE B 15 20.37 -10.01 -15.74
C PHE B 15 21.63 -9.19 -15.61
N ARG B 16 21.98 -8.48 -16.69
CA ARG B 16 23.18 -7.65 -16.69
C ARG B 16 23.12 -6.56 -15.62
N SER B 17 21.92 -6.07 -15.30
CA SER B 17 21.82 -4.96 -14.36
C SER B 17 21.84 -5.40 -12.89
N ASP B 18 21.90 -6.71 -12.64
CA ASP B 18 21.73 -7.25 -11.28
C ASP B 18 23.01 -7.92 -10.77
N GLU B 19 23.89 -7.12 -10.14
CA GLU B 19 25.17 -7.64 -9.67
C GLU B 19 24.97 -8.63 -8.53
N ALA B 20 23.94 -8.42 -7.73
CA ALA B 20 23.65 -9.29 -6.59
C ALA B 20 23.31 -10.69 -7.08
N LEU B 21 22.42 -10.77 -8.04
CA LEU B 21 22.04 -12.06 -8.61
C LEU B 21 23.27 -12.76 -9.19
N GLN B 22 24.09 -12.01 -9.90
CA GLN B 22 25.27 -12.60 -10.53
C GLN B 22 26.26 -13.12 -9.49
N LYS B 23 26.47 -12.38 -8.41
CA LYS B 23 27.35 -12.85 -7.34
C LYS B 23 26.81 -14.12 -6.69
N ILE B 24 25.50 -14.19 -6.47
CA ILE B 24 24.88 -15.36 -5.86
C ILE B 24 25.04 -16.58 -6.76
N LEU B 25 24.78 -16.42 -8.05
CA LEU B 25 24.88 -17.52 -8.99
C LEU B 25 26.32 -17.98 -9.19
N LYS B 26 27.28 -17.07 -9.04
CA LYS B 26 28.69 -17.46 -9.14
C LYS B 26 29.07 -18.32 -7.94
N SER B 27 28.38 -18.12 -6.82
CA SER B 27 28.64 -18.92 -5.63
C SER B 27 27.89 -20.26 -5.63
N LEU B 28 26.65 -20.24 -6.13
CA LEU B 28 25.77 -21.41 -6.03
C LEU B 28 25.78 -22.35 -7.25
N LEU B 29 26.11 -21.85 -8.42
CA LEU B 29 26.12 -22.67 -9.63
C LEU B 29 27.52 -23.21 -9.95
N PRO B 30 27.67 -24.53 -10.08
CA PRO B 30 28.96 -25.08 -10.53
C PRO B 30 29.20 -24.73 -11.99
N ALA B 31 30.44 -24.92 -12.46
CA ALA B 31 30.85 -24.51 -13.80
C ALA B 31 29.95 -25.04 -14.92
N ASP B 32 29.57 -26.31 -14.85
CA ASP B 32 28.71 -26.90 -15.89
C ASP B 32 27.32 -26.27 -15.89
N ALA B 33 26.79 -25.90 -14.73
CA ALA B 33 25.50 -25.22 -14.68
C ALA B 33 25.61 -23.82 -15.26
N GLN B 34 26.70 -23.11 -14.93
CA GLN B 34 26.89 -21.74 -15.41
C GLN B 34 26.95 -21.70 -16.93
N LYS B 35 27.55 -22.74 -17.52
CA LYS B 35 27.66 -22.85 -18.97
C LYS B 35 26.29 -22.76 -19.65
N VAL B 36 25.30 -23.41 -19.05
CA VAL B 36 23.93 -23.41 -19.56
C VAL B 36 23.11 -22.20 -19.06
N ALA B 37 23.19 -21.94 -17.76
CA ALA B 37 22.30 -20.98 -17.10
C ALA B 37 22.57 -19.51 -17.44
N LEU B 38 23.84 -19.11 -17.46
CA LEU B 38 24.13 -17.69 -17.61
C LEU B 38 23.68 -17.11 -18.97
N PRO B 39 23.93 -17.83 -20.09
CA PRO B 39 23.37 -17.25 -21.32
C PRO B 39 21.83 -17.28 -21.38
N HIS B 40 21.22 -18.32 -20.82
CA HIS B 40 19.76 -18.42 -20.75
C HIS B 40 19.20 -17.25 -19.96
N LEU B 41 19.82 -16.98 -18.82
CA LEU B 41 19.38 -15.88 -17.96
C LEU B 41 19.58 -14.52 -18.62
N GLU B 42 20.69 -14.35 -19.33
CA GLU B 42 20.92 -13.08 -20.00
C GLU B 42 19.88 -12.86 -21.08
N HIS B 43 19.52 -13.95 -21.77
CA HIS B 43 18.45 -13.94 -22.76
C HIS B 43 17.12 -13.58 -22.11
N LEU B 44 16.79 -14.23 -21.01
CA LEU B 44 15.53 -13.96 -20.34
C LEU B 44 15.50 -12.52 -19.79
N GLY B 45 16.64 -12.05 -19.32
CA GLY B 45 16.77 -10.69 -18.82
C GLY B 45 16.45 -9.66 -19.90
N GLU B 46 16.75 -10.00 -21.15
CA GLU B 46 16.41 -9.13 -22.27
C GLU B 46 14.90 -9.17 -22.55
N ARG B 47 14.32 -10.37 -22.55
CA ARG B 47 12.87 -10.51 -22.77
C ARG B 47 12.08 -9.75 -21.71
N ALA B 48 12.57 -9.79 -20.48
CA ALA B 48 11.91 -9.14 -19.35
C ALA B 48 11.72 -7.64 -19.56
N VAL B 49 12.57 -7.02 -20.38
CA VAL B 49 12.43 -5.59 -20.59
C VAL B 49 12.02 -5.26 -22.03
N THR B 50 11.69 -6.29 -22.80
CA THR B 50 11.21 -6.05 -24.18
C THR B 50 9.83 -6.70 -24.41
N ASP B 51 9.75 -7.89 -25.01
CA ASP B 51 8.42 -8.38 -25.35
C ASP B 51 7.58 -8.74 -24.14
N MET B 52 8.19 -9.27 -23.09
CA MET B 52 7.41 -9.60 -21.89
C MET B 52 6.81 -8.36 -21.24
N LEU B 53 7.59 -7.30 -21.16
CA LEU B 53 7.14 -6.06 -20.56
C LEU B 53 5.92 -5.54 -21.32
N THR B 54 5.94 -5.63 -22.65
CA THR B 54 4.80 -5.19 -23.43
C THR B 54 3.57 -6.07 -23.19
N TRP B 55 3.78 -7.38 -23.15
CA TRP B 55 2.67 -8.31 -22.92
C TRP B 55 2.07 -8.13 -21.52
N ALA B 56 2.91 -7.91 -20.51
CA ALA B 56 2.42 -7.69 -19.15
C ALA B 56 1.57 -6.41 -19.05
N GLN B 57 2.03 -5.35 -19.70
CA GLN B 57 1.29 -4.09 -19.70
C GLN B 57 -0.07 -4.26 -20.34
N GLU B 58 -0.09 -5.01 -21.44
CA GLU B 58 -1.32 -5.29 -22.15
C GLU B 58 -2.31 -6.07 -21.27
N ALA B 59 -1.80 -7.08 -20.56
CA ALA B 59 -2.66 -7.89 -19.71
C ALA B 59 -3.20 -7.07 -18.54
N GLU B 60 -2.36 -6.20 -17.98
CA GLU B 60 -2.79 -5.36 -16.87
C GLU B 60 -3.82 -4.33 -17.37
N SER B 61 -3.70 -3.91 -18.63
CA SER B 61 -4.64 -2.93 -19.17
C SER B 61 -5.93 -3.59 -19.67
N GLN B 62 -5.90 -4.90 -19.87
CA GLN B 62 -7.10 -5.63 -20.29
C GLN B 62 -7.36 -6.82 -19.36
N PRO B 63 -7.91 -6.55 -18.17
CA PRO B 63 -8.13 -7.60 -17.18
C PRO B 63 -9.09 -8.67 -17.70
N PRO B 64 -9.03 -9.88 -17.14
CA PRO B 64 -9.92 -10.95 -17.59
C PRO B 64 -11.38 -10.62 -17.34
N VAL B 65 -12.24 -11.16 -18.20
CA VAL B 65 -13.67 -10.95 -18.11
C VAL B 65 -14.41 -12.29 -18.14
N HIS B 66 -15.33 -12.47 -17.19
CA HIS B 66 -16.16 -13.65 -17.13
C HIS B 66 -17.36 -13.53 -18.08
N VAL B 67 -17.54 -14.53 -18.95
CA VAL B 67 -18.70 -14.63 -19.81
C VAL B 67 -19.46 -15.92 -19.47
N PRO B 68 -20.44 -15.82 -18.55
CA PRO B 68 -21.06 -17.07 -18.09
C PRO B 68 -21.88 -17.75 -19.18
N PHE B 69 -22.56 -16.97 -20.01
CA PHE B 69 -23.47 -17.53 -20.98
C PHE B 69 -23.11 -17.12 -22.40
N ASP B 70 -23.29 -18.04 -23.34
CA ASP B 70 -23.17 -17.68 -24.74
C ASP B 70 -24.49 -16.96 -25.15
N PRO B 71 -24.53 -16.38 -26.36
CA PRO B 71 -25.71 -15.59 -26.74
C PRO B 71 -27.02 -16.36 -26.80
N TRP B 72 -26.96 -17.69 -26.79
CA TRP B 72 -28.16 -18.52 -26.89
C TRP B 72 -28.50 -19.24 -25.58
N GLY B 73 -27.85 -18.84 -24.50
CA GLY B 73 -28.23 -19.30 -23.16
C GLY B 73 -27.46 -20.49 -22.64
N ARG B 74 -26.52 -21.02 -23.42
CA ARG B 74 -25.65 -22.08 -22.93
C ARG B 74 -24.71 -21.58 -21.86
N ARG B 75 -24.63 -22.29 -20.75
CA ARG B 75 -23.67 -21.92 -19.71
C ARG B 75 -22.28 -22.36 -20.13
N ILE B 76 -21.41 -21.41 -20.45
CA ILE B 76 -20.07 -21.74 -20.92
C ILE B 76 -18.99 -21.35 -19.94
N ASP B 77 -19.26 -20.33 -19.11
CA ASP B 77 -18.28 -19.83 -18.14
C ASP B 77 -16.90 -19.61 -18.75
N ASP B 78 -16.87 -18.90 -19.86
CA ASP B 78 -15.60 -18.52 -20.47
C ASP B 78 -14.95 -17.40 -19.68
N ILE B 79 -13.63 -17.38 -19.66
CA ILE B 79 -12.91 -16.23 -19.13
C ILE B 79 -12.08 -15.68 -20.28
N LYS B 80 -12.43 -14.50 -20.77
CA LYS B 80 -11.67 -13.89 -21.84
C LYS B 80 -10.45 -13.20 -21.28
N THR B 81 -9.30 -13.49 -21.87
CA THR B 81 -8.03 -12.88 -21.47
C THR B 81 -7.38 -12.18 -22.67
N SER B 82 -6.41 -11.33 -22.41
CA SER B 82 -5.67 -10.64 -23.46
C SER B 82 -4.71 -11.56 -24.19
N HIS B 83 -4.29 -11.15 -25.37
CA HIS B 83 -3.26 -11.87 -26.10
C HIS B 83 -1.95 -11.86 -25.30
N GLY B 84 -1.70 -10.75 -24.60
CA GLY B 84 -0.49 -10.64 -23.81
C GLY B 84 -0.42 -11.66 -22.69
N TRP B 85 -1.55 -11.92 -22.04
CA TRP B 85 -1.62 -12.92 -20.99
C TRP B 85 -1.35 -14.31 -21.54
N LYS B 86 -1.93 -14.61 -22.69
CA LYS B 86 -1.69 -15.89 -23.34
C LYS B 86 -0.21 -16.03 -23.72
N ALA B 87 0.39 -14.93 -24.19
CA ALA B 87 1.79 -14.95 -24.61
C ALA B 87 2.73 -15.25 -23.44
N LEU B 88 2.40 -14.71 -22.26
CA LEU B 88 3.24 -14.89 -21.10
C LEU B 88 3.17 -16.33 -20.60
N GLU B 89 2.03 -16.97 -20.79
CA GLU B 89 1.93 -18.41 -20.53
C GLU B 89 2.87 -19.18 -21.46
N LYS B 90 2.91 -18.79 -22.73
CA LYS B 90 3.79 -19.45 -23.70
C LYS B 90 5.26 -19.29 -23.30
N VAL B 91 5.61 -18.10 -22.83
CA VAL B 91 6.97 -17.85 -22.36
C VAL B 91 7.33 -18.79 -21.22
N ALA B 92 6.40 -19.01 -20.28
CA ALA B 92 6.68 -19.86 -19.12
C ALA B 92 7.06 -21.27 -19.55
N ALA B 93 6.36 -21.78 -20.56
CA ALA B 93 6.68 -23.10 -21.09
C ALA B 93 8.03 -23.10 -21.80
N GLU B 94 8.18 -22.22 -22.79
CA GLU B 94 9.34 -22.33 -23.67
C GLU B 94 10.63 -21.98 -22.96
N GLU B 95 10.57 -21.10 -21.95
CA GLU B 95 11.77 -20.74 -21.20
C GLU B 95 12.00 -21.68 -20.01
N GLY B 96 11.11 -22.66 -19.82
CA GLY B 96 11.27 -23.64 -18.76
C GLY B 96 11.28 -23.03 -17.36
N ILE B 97 10.42 -22.06 -17.14
CA ILE B 97 10.38 -21.36 -15.85
C ILE B 97 10.03 -22.32 -14.70
N VAL B 98 9.26 -23.37 -14.99
CA VAL B 98 9.02 -24.43 -14.02
C VAL B 98 9.91 -25.65 -14.29
N ALA B 99 9.92 -26.10 -15.55
CA ALA B 99 10.55 -27.38 -15.90
C ALA B 99 12.02 -27.46 -15.50
N THR B 100 12.71 -26.32 -15.50
CA THR B 100 14.15 -26.30 -15.22
C THR B 100 14.53 -26.96 -13.89
N ALA B 101 13.65 -26.83 -12.90
CA ALA B 101 13.91 -27.41 -11.58
C ALA B 101 13.89 -28.93 -11.58
N TYR B 102 13.12 -29.51 -12.49
CA TYR B 102 12.88 -30.95 -12.49
C TYR B 102 13.86 -31.70 -13.35
N ASP B 103 14.67 -30.94 -14.07
CA ASP B 103 15.86 -31.43 -14.75
C ASP B 103 17.03 -31.31 -13.77
N ARG B 104 17.25 -32.36 -12.99
CA ARG B 104 18.15 -32.26 -11.84
C ARG B 104 19.60 -32.69 -12.10
N ARG B 105 20.04 -32.55 -13.36
CA ARG B 105 21.45 -32.81 -13.70
C ARG B 105 22.43 -31.99 -12.85
N PHE B 106 22.00 -30.83 -12.35
CA PHE B 106 22.94 -29.98 -11.64
C PHE B 106 22.76 -30.10 -10.13
N GLY B 107 22.11 -31.18 -9.70
CA GLY B 107 21.93 -31.42 -8.28
C GLY B 107 21.10 -30.33 -7.65
N ALA B 108 21.56 -29.81 -6.50
CA ALA B 108 20.82 -28.74 -5.85
C ALA B 108 20.74 -27.49 -6.72
N ALA B 109 21.66 -27.37 -7.68
CA ALA B 109 21.76 -26.17 -8.50
C ALA B 109 20.68 -26.08 -9.59
N SER B 110 20.02 -27.20 -9.88
CA SER B 110 18.93 -27.18 -10.85
C SER B 110 17.78 -26.29 -10.35
N ARG B 111 17.42 -26.46 -9.08
CA ARG B 111 16.41 -25.63 -8.45
C ARG B 111 16.86 -24.17 -8.31
N VAL B 112 18.14 -23.97 -8.02
CA VAL B 112 18.68 -22.60 -7.93
C VAL B 112 18.58 -21.87 -9.26
N TYR B 113 18.95 -22.57 -10.32
CA TYR B 113 18.87 -22.07 -11.70
C TYR B 113 17.41 -21.76 -12.06
N GLN B 114 16.49 -22.67 -11.75
CA GLN B 114 15.08 -22.43 -12.02
C GLN B 114 14.58 -21.19 -11.27
N MET B 115 14.98 -21.06 -10.01
CA MET B 115 14.54 -19.91 -9.20
C MET B 115 15.12 -18.59 -9.73
N ALA B 116 16.32 -18.65 -10.31
CA ALA B 116 16.87 -17.45 -10.97
C ALA B 116 16.03 -17.08 -12.20
N LEU B 117 15.60 -18.09 -12.95
CA LEU B 117 14.68 -17.84 -14.06
C LEU B 117 13.38 -17.20 -13.58
N LEU B 118 12.81 -17.74 -12.51
CA LEU B 118 11.57 -17.18 -11.95
C LEU B 118 11.76 -15.73 -11.54
N TYR B 119 12.91 -15.48 -10.93
CA TYR B 119 13.26 -14.17 -10.40
C TYR B 119 13.29 -13.11 -11.50
N LEU B 120 13.76 -13.48 -12.68
CA LEU B 120 13.76 -12.54 -13.80
C LEU B 120 12.39 -12.47 -14.46
N TYR B 121 11.72 -13.62 -14.57
CA TYR B 121 10.44 -13.73 -15.27
C TYR B 121 9.31 -13.03 -14.50
N SER B 122 9.19 -13.31 -13.22
CA SER B 122 8.01 -12.90 -12.45
C SER B 122 7.66 -11.39 -12.55
N PRO B 123 8.63 -10.48 -12.35
CA PRO B 123 8.24 -9.06 -12.36
C PRO B 123 7.74 -8.55 -13.71
N SER B 124 8.01 -9.28 -14.80
CA SER B 124 7.49 -8.91 -16.12
C SER B 124 6.42 -9.88 -16.58
N SER B 125 5.72 -10.52 -15.65
CA SER B 125 4.75 -11.56 -16.04
C SER B 125 3.30 -11.23 -15.70
N ALA B 126 3.06 -10.03 -15.18
CA ALA B 126 1.73 -9.67 -14.69
C ALA B 126 1.21 -10.74 -13.72
N ILE B 127 2.14 -11.31 -12.95
CA ILE B 127 1.89 -12.36 -11.95
C ILE B 127 1.33 -13.68 -12.54
N PHE B 128 1.73 -13.98 -13.78
CA PHE B 128 1.52 -15.33 -14.27
C PHE B 128 2.36 -16.28 -13.43
N SER B 129 3.34 -15.75 -12.69
CA SER B 129 4.15 -16.55 -11.79
C SER B 129 3.33 -17.25 -10.71
N CYS B 130 2.14 -16.75 -10.44
CA CYS B 130 1.25 -17.40 -9.47
C CYS B 130 0.76 -18.77 -9.99
N PRO B 131 0.14 -18.80 -11.19
CA PRO B 131 -0.10 -20.12 -11.79
C PRO B 131 1.13 -21.05 -11.83
N LEU B 132 2.32 -20.50 -12.11
CA LEU B 132 3.51 -21.34 -12.18
C LEU B 132 3.86 -21.95 -10.81
N ALA B 133 3.70 -21.20 -9.72
CA ALA B 133 3.98 -21.76 -8.40
C ALA B 133 3.09 -22.95 -8.11
N MET B 134 1.81 -22.82 -8.42
CA MET B 134 0.85 -23.88 -8.16
C MET B 134 1.08 -25.09 -9.06
N THR B 135 1.58 -24.83 -10.26
CA THR B 135 1.94 -25.86 -11.23
C THR B 135 3.14 -26.67 -10.76
N ASP B 136 4.19 -25.95 -10.34
CA ASP B 136 5.38 -26.55 -9.74
C ASP B 136 4.97 -27.39 -8.50
N GLY B 137 4.24 -26.77 -7.58
CA GLY B 137 3.74 -27.48 -6.40
C GLY B 137 2.96 -28.76 -6.75
N ALA B 138 2.11 -28.68 -7.76
CA ALA B 138 1.34 -29.85 -8.17
C ALA B 138 2.25 -30.95 -8.71
N ALA B 139 3.27 -30.56 -9.49
CA ALA B 139 4.16 -31.56 -10.06
C ALA B 139 4.89 -32.30 -8.95
N ARG B 140 5.33 -31.57 -7.94
CA ARG B 140 6.04 -32.18 -6.81
C ARG B 140 5.11 -33.13 -6.04
N ALA B 141 3.88 -32.70 -5.80
CA ALA B 141 2.93 -33.54 -5.08
C ALA B 141 2.65 -34.82 -5.85
N LEU B 142 2.50 -34.69 -7.16
CA LEU B 142 2.26 -35.88 -7.98
C LEU B 142 3.48 -36.78 -8.00
N GLU B 143 4.65 -36.19 -8.21
CA GLU B 143 5.91 -36.93 -8.19
C GLU B 143 6.08 -37.72 -6.87
N LEU B 144 5.77 -37.08 -5.75
CA LEU B 144 5.92 -37.70 -4.43
C LEU B 144 4.86 -38.74 -4.11
N TYR B 145 3.62 -38.52 -4.55
CA TYR B 145 2.50 -39.29 -4.01
C TYR B 145 1.59 -40.00 -4.99
N ALA B 146 1.63 -39.63 -6.26
CA ALA B 146 0.61 -40.18 -7.19
C ALA B 146 1.00 -41.54 -7.75
N ASP B 147 -0.01 -42.34 -8.08
CA ASP B 147 0.19 -43.61 -8.77
C ASP B 147 0.89 -43.39 -10.10
N ALA B 148 1.56 -44.43 -10.59
CA ALA B 148 2.33 -44.33 -11.83
C ALA B 148 1.48 -43.88 -13.02
N ASP B 149 0.25 -44.37 -13.14
CA ASP B 149 -0.56 -44.01 -14.31
C ASP B 149 -0.92 -42.52 -14.29
N LEU B 150 -1.22 -41.96 -13.11
CA LEU B 150 -1.52 -40.53 -13.01
C LEU B 150 -0.27 -39.66 -13.28
N LYS B 151 0.88 -40.05 -12.75
CA LYS B 151 2.14 -39.36 -13.05
C LYS B 151 2.44 -39.39 -14.56
N ALA B 152 2.25 -40.55 -15.17
CA ALA B 152 2.50 -40.73 -16.61
C ALA B 152 1.59 -39.84 -17.45
N ARG B 153 0.35 -39.64 -16.99
CA ARG B 153 -0.59 -38.81 -17.71
C ARG B 153 -0.26 -37.33 -17.55
N VAL B 154 0.00 -36.91 -16.32
CA VAL B 154 -0.02 -35.48 -16.02
C VAL B 154 1.34 -34.77 -16.06
N LEU B 155 2.39 -35.42 -15.55
CA LEU B 155 3.70 -34.80 -15.49
C LEU B 155 4.21 -34.34 -16.87
N PRO B 156 3.93 -35.10 -17.95
CA PRO B 156 4.43 -34.56 -19.22
C PRO B 156 3.80 -33.23 -19.62
N HIS B 157 2.63 -32.91 -19.06
CA HIS B 157 1.99 -31.63 -19.34
C HIS B 157 2.54 -30.52 -18.45
N LEU B 158 2.62 -30.80 -17.15
CA LEU B 158 3.10 -29.79 -16.21
C LEU B 158 4.56 -29.41 -16.50
N LEU B 159 5.35 -30.38 -16.99
CA LEU B 159 6.77 -30.13 -17.17
C LEU B 159 7.15 -29.94 -18.64
N SER B 160 6.14 -29.76 -19.49
CA SER B 160 6.37 -29.54 -20.91
C SER B 160 6.98 -28.18 -21.20
N ARG B 161 7.83 -28.11 -22.22
CA ARG B 161 8.41 -26.83 -22.68
C ARG B 161 7.69 -26.36 -23.94
N ASP B 162 6.69 -27.11 -24.36
CA ASP B 162 5.93 -26.86 -25.59
C ASP B 162 4.57 -26.26 -25.23
N PRO B 163 4.31 -25.02 -25.67
CA PRO B 163 3.08 -24.32 -25.32
C PRO B 163 1.82 -25.10 -25.67
N LYS B 164 1.88 -25.95 -26.69
CA LYS B 164 0.72 -26.73 -27.11
C LYS B 164 0.38 -27.83 -26.12
N THR B 165 1.37 -28.22 -25.30
CA THR B 165 1.22 -29.36 -24.38
C THR B 165 1.23 -28.94 -22.89
N PHE B 166 1.81 -27.78 -22.62
CA PHE B 166 1.95 -27.27 -21.25
C PHE B 166 0.61 -27.09 -20.53
N TRP B 167 0.51 -27.64 -19.31
CA TRP B 167 -0.62 -27.38 -18.43
C TRP B 167 -0.15 -26.58 -17.24
N THR B 168 -1.06 -25.76 -16.70
CA THR B 168 -0.89 -25.23 -15.35
C THR B 168 -1.91 -25.87 -14.43
N ALA B 169 -1.67 -25.72 -13.14
CA ALA B 169 -2.53 -26.32 -12.12
C ALA B 169 -3.06 -25.24 -11.21
N GLY B 170 -4.25 -25.45 -10.70
CA GLY B 170 -4.72 -24.65 -9.57
C GLY B 170 -4.56 -25.43 -8.28
N GLN B 171 -4.60 -24.69 -7.18
N GLN B 171 -4.69 -24.69 -7.19
CA GLN B 171 -4.58 -25.27 -5.84
CA GLN B 171 -4.59 -25.21 -5.85
C GLN B 171 -5.78 -24.68 -5.11
C GLN B 171 -5.80 -24.65 -5.12
N TRP B 172 -6.83 -25.48 -4.93
CA TRP B 172 -8.10 -24.97 -4.40
C TRP B 172 -8.30 -25.37 -2.96
N MET B 173 -7.72 -24.58 -2.04
N MET B 173 -7.73 -24.61 -2.03
CA MET B 173 -7.70 -24.89 -0.61
CA MET B 173 -7.88 -24.94 -0.61
C MET B 173 -8.56 -23.97 0.26
C MET B 173 -8.91 -24.08 0.08
N THR B 174 -8.91 -22.79 -0.25
CA THR B 174 -9.69 -21.82 0.51
C THR B 174 -11.20 -21.96 0.27
N GLU B 175 -11.97 -21.98 1.35
CA GLU B 175 -13.43 -21.93 1.29
C GLU B 175 -13.93 -20.71 2.11
N ARG B 176 -15.24 -20.47 2.14
CA ARG B 176 -15.75 -19.27 2.83
C ARG B 176 -15.47 -19.32 4.33
N THR B 177 -15.42 -20.51 4.88
CA THR B 177 -15.17 -20.71 6.29
C THR B 177 -13.76 -20.37 6.67
N GLY B 178 -12.84 -20.54 5.75
CA GLY B 178 -11.46 -20.23 6.02
C GLY B 178 -10.44 -20.65 5.01
N GLY B 179 -9.33 -19.92 5.03
CA GLY B 179 -8.20 -20.18 4.17
C GLY B 179 -7.02 -20.52 5.02
N SER B 180 -6.88 -19.83 6.12
CA SER B 180 -5.80 -20.10 7.02
C SER B 180 -6.08 -21.47 7.60
N ASP B 181 -7.27 -21.62 8.14
CA ASP B 181 -7.72 -22.85 8.71
C ASP B 181 -8.64 -23.55 7.71
N VAL B 182 -8.23 -24.71 7.24
CA VAL B 182 -9.02 -25.47 6.25
C VAL B 182 -9.88 -26.56 6.90
N SER B 183 -9.83 -26.66 8.23
CA SER B 183 -10.58 -27.71 8.92
C SER B 183 -12.10 -27.63 8.68
N GLY B 184 -12.60 -26.44 8.37
CA GLY B 184 -14.01 -26.26 8.11
C GLY B 184 -14.44 -26.60 6.69
N THR B 185 -13.50 -27.13 5.89
CA THR B 185 -13.76 -27.50 4.49
C THR B 185 -15.07 -28.28 4.41
N SER B 186 -15.97 -27.83 3.54
CA SER B 186 -17.32 -28.36 3.45
C SER B 186 -17.55 -29.15 2.17
N THR B 187 -16.54 -29.21 1.32
CA THR B 187 -16.66 -29.93 0.05
C THR B 187 -16.71 -31.43 0.30
N ASP B 188 -17.80 -32.07 -0.13
CA ASP B 188 -18.02 -33.51 0.04
C ASP B 188 -17.52 -34.27 -1.16
N ALA B 189 -17.02 -35.48 -0.92
CA ALA B 189 -16.55 -36.35 -1.99
C ALA B 189 -17.36 -37.65 -1.95
N HIS B 190 -18.30 -37.81 -2.88
CA HIS B 190 -19.11 -39.02 -2.99
C HIS B 190 -18.45 -40.02 -3.93
N PRO B 191 -18.54 -41.31 -3.61
CA PRO B 191 -18.04 -42.33 -4.54
C PRO B 191 -18.64 -42.14 -5.92
N PHE B 192 -17.79 -42.29 -6.93
CA PHE B 192 -18.17 -42.03 -8.32
C PHE B 192 -17.85 -43.27 -9.17
N THR B 193 -18.82 -43.70 -9.96
CA THR B 193 -18.60 -44.84 -10.84
C THR B 193 -18.84 -44.52 -12.32
N GLY B 194 -18.78 -43.23 -12.65
CA GLY B 194 -18.96 -42.82 -14.03
C GLY B 194 -17.64 -42.86 -14.80
N THR B 195 -17.68 -42.39 -16.05
CA THR B 195 -16.49 -42.30 -16.90
C THR B 195 -15.62 -41.08 -16.62
N SER B 196 -14.31 -41.25 -16.71
CA SER B 196 -13.40 -40.11 -16.73
C SER B 196 -12.17 -40.46 -17.56
N GLU B 197 -11.32 -39.45 -17.82
CA GLU B 197 -10.09 -39.71 -18.56
C GLU B 197 -8.89 -39.98 -17.66
N PHE B 198 -9.07 -39.89 -16.33
CA PHE B 198 -7.91 -39.98 -15.45
C PHE B 198 -8.09 -40.88 -14.24
N GLY B 199 -9.11 -41.72 -14.28
CA GLY B 199 -9.37 -42.66 -13.19
C GLY B 199 -10.00 -42.03 -11.97
N ALA B 200 -10.97 -41.14 -12.20
CA ALA B 200 -11.69 -40.49 -11.11
C ALA B 200 -12.39 -41.52 -10.24
N THR B 201 -12.35 -41.31 -8.93
CA THR B 201 -12.91 -42.20 -7.91
C THR B 201 -14.08 -41.59 -7.16
N HIS B 202 -14.15 -40.26 -7.16
CA HIS B 202 -15.17 -39.55 -6.41
C HIS B 202 -15.78 -38.43 -7.24
N SER B 203 -16.92 -37.90 -6.77
CA SER B 203 -17.43 -36.65 -7.31
C SER B 203 -17.45 -35.62 -6.19
N LEU B 204 -17.05 -34.39 -6.50
CA LEU B 204 -16.91 -33.34 -5.47
C LEU B 204 -18.06 -32.36 -5.47
N HIS B 205 -18.53 -31.99 -4.29
CA HIS B 205 -19.65 -31.06 -4.18
C HIS B 205 -19.34 -30.00 -3.14
N GLY B 206 -19.11 -28.77 -3.59
CA GLY B 206 -18.83 -27.70 -2.65
C GLY B 206 -18.44 -26.42 -3.36
N THR B 207 -18.03 -25.43 -2.57
CA THR B 207 -17.69 -24.14 -3.14
C THR B 207 -16.26 -23.78 -2.77
N LYS B 208 -15.50 -23.36 -3.76
CA LYS B 208 -14.11 -22.97 -3.55
C LYS B 208 -14.04 -21.47 -3.74
N TRP B 209 -13.53 -20.77 -2.74
CA TRP B 209 -13.85 -19.35 -2.55
C TRP B 209 -12.82 -18.41 -3.18
N PHE B 210 -11.57 -18.85 -3.31
CA PHE B 210 -10.54 -18.17 -4.08
C PHE B 210 -9.89 -19.24 -4.93
N THR B 211 -9.95 -19.11 -6.26
CA THR B 211 -9.31 -20.08 -7.16
C THR B 211 -8.66 -19.37 -8.37
N SER B 212 -7.85 -20.06 -9.14
CA SER B 212 -7.34 -19.46 -10.37
C SER B 212 -8.27 -19.80 -11.54
N ALA B 213 -9.56 -19.97 -11.21
CA ALA B 213 -10.60 -20.04 -12.22
C ALA B 213 -10.35 -21.19 -13.20
N THR B 214 -10.51 -20.92 -14.50
CA THR B 214 -10.30 -21.93 -15.53
C THR B 214 -9.01 -21.70 -16.31
N THR B 215 -8.06 -21.01 -15.70
CA THR B 215 -6.79 -20.80 -16.37
C THR B 215 -6.04 -22.13 -16.45
N SER B 216 -6.34 -23.00 -15.50
CA SER B 216 -5.67 -24.29 -15.36
C SER B 216 -6.40 -25.49 -15.93
N GLN B 217 -5.65 -26.48 -16.40
CA GLN B 217 -6.24 -27.69 -16.92
C GLN B 217 -6.51 -28.69 -15.81
N MET B 218 -5.78 -28.56 -14.70
CA MET B 218 -5.97 -29.44 -13.53
C MET B 218 -5.97 -28.66 -12.21
N ALA B 219 -6.39 -29.30 -11.14
CA ALA B 219 -6.27 -28.70 -9.82
C ALA B 219 -6.06 -29.78 -8.78
N LEU B 220 -5.44 -29.39 -7.67
CA LEU B 220 -5.44 -30.19 -6.45
C LEU B 220 -6.37 -29.50 -5.47
N THR B 221 -7.11 -30.29 -4.69
CA THR B 221 -8.05 -29.68 -3.75
C THR B 221 -8.30 -30.64 -2.59
N LEU B 222 -8.91 -30.12 -1.52
CA LEU B 222 -9.26 -30.97 -0.40
C LEU B 222 -10.76 -31.20 -0.36
N ALA B 223 -11.15 -32.41 0.02
CA ALA B 223 -12.56 -32.72 0.25
C ALA B 223 -12.75 -33.80 1.29
N ARG B 224 -13.98 -33.90 1.78
CA ARG B 224 -14.34 -34.82 2.86
C ARG B 224 -15.16 -35.99 2.29
N PRO B 225 -14.57 -37.19 2.25
CA PRO B 225 -15.28 -38.35 1.73
C PRO B 225 -16.49 -38.70 2.58
N ASP B 226 -17.45 -39.38 1.97
CA ASP B 226 -18.68 -39.76 2.66
C ASP B 226 -18.28 -40.50 3.94
N GLY B 227 -18.92 -40.17 5.06
CA GLY B 227 -18.63 -40.84 6.32
C GLY B 227 -17.33 -40.53 7.05
N ALA B 228 -16.57 -39.57 6.57
CA ALA B 228 -15.26 -39.24 7.15
C ALA B 228 -15.41 -38.39 8.42
N ALA B 229 -14.36 -38.34 9.23
CA ALA B 229 -14.35 -37.59 10.47
C ALA B 229 -14.50 -36.10 10.24
N PRO B 230 -14.94 -35.36 11.28
CA PRO B 230 -14.98 -33.91 11.11
C PRO B 230 -13.59 -33.26 11.21
N GLY B 231 -13.48 -32.01 10.79
CA GLY B 231 -12.22 -31.30 10.87
C GLY B 231 -11.18 -31.75 9.86
N SER B 232 -9.94 -31.30 10.05
CA SER B 232 -8.85 -31.59 9.12
C SER B 232 -8.55 -33.08 9.03
N ARG B 233 -9.00 -33.86 10.01
CA ARG B 233 -8.61 -35.26 10.03
C ARG B 233 -9.52 -36.08 9.13
N GLY B 234 -10.55 -35.44 8.58
CA GLY B 234 -11.40 -36.13 7.64
C GLY B 234 -11.15 -35.74 6.19
N LEU B 235 -10.10 -34.96 5.97
CA LEU B 235 -9.84 -34.44 4.64
C LEU B 235 -8.84 -35.29 3.85
N SER B 236 -9.16 -35.50 2.59
CA SER B 236 -8.26 -36.15 1.64
C SER B 236 -7.89 -35.22 0.51
N LEU B 237 -6.76 -35.52 -0.11
CA LEU B 237 -6.25 -34.77 -1.26
C LEU B 237 -6.86 -35.34 -2.53
N PHE B 238 -7.33 -34.45 -3.41
CA PHE B 238 -7.94 -34.88 -4.67
C PHE B 238 -7.31 -34.19 -5.86
N PHE B 239 -7.13 -34.96 -6.91
CA PHE B 239 -6.74 -34.47 -8.22
C PHE B 239 -7.99 -34.38 -9.13
N LEU B 240 -8.12 -33.32 -9.90
CA LEU B 240 -9.19 -33.24 -10.90
C LEU B 240 -8.73 -32.52 -12.16
N GLU B 241 -9.40 -32.81 -13.27
CA GLU B 241 -9.16 -32.04 -14.49
C GLU B 241 -10.39 -31.17 -14.73
N LEU B 242 -10.16 -29.94 -15.16
CA LEU B 242 -11.25 -28.99 -15.29
C LEU B 242 -12.21 -29.26 -16.43
N ARG B 243 -11.69 -29.74 -17.55
CA ARG B 243 -12.51 -29.96 -18.74
C ARG B 243 -12.42 -31.38 -19.30
N ASN B 244 -13.42 -31.77 -20.07
CA ASN B 244 -13.35 -33.04 -20.79
C ASN B 244 -12.71 -32.85 -22.14
N ASP B 245 -12.74 -33.95 -22.89
CA ASP B 245 -12.41 -34.00 -24.32
C ASP B 245 -12.99 -32.86 -25.18
N LYS B 246 -14.25 -32.52 -24.97
CA LYS B 246 -14.93 -31.51 -25.79
C LYS B 246 -14.55 -30.08 -25.40
N GLY B 247 -13.89 -29.94 -24.26
CA GLY B 247 -13.46 -28.64 -23.78
C GLY B 247 -14.48 -28.04 -22.84
N GLU B 248 -15.44 -28.86 -22.42
CA GLU B 248 -16.49 -28.42 -21.51
C GLU B 248 -16.08 -28.61 -20.07
N LEU B 249 -16.48 -27.69 -19.20
CA LEU B 249 -16.14 -27.80 -17.79
C LEU B 249 -16.81 -29.02 -17.21
N ASN B 250 -16.05 -29.77 -16.41
CA ASN B 250 -16.56 -30.98 -15.79
C ASN B 250 -17.38 -30.69 -14.55
N HIS B 251 -18.62 -30.22 -14.73
CA HIS B 251 -19.53 -29.93 -13.61
C HIS B 251 -18.90 -28.91 -12.66
N ILE B 252 -18.35 -27.86 -13.27
CA ILE B 252 -17.80 -26.73 -12.52
C ILE B 252 -18.49 -25.46 -12.98
N GLN B 253 -18.97 -24.65 -12.04
CA GLN B 253 -19.61 -23.40 -12.40
C GLN B 253 -18.84 -22.26 -11.79
N ILE B 254 -18.52 -21.27 -12.61
CA ILE B 254 -17.86 -20.08 -12.12
C ILE B 254 -18.90 -19.05 -11.71
N HIS B 255 -18.82 -18.59 -10.46
CA HIS B 255 -19.76 -17.61 -9.94
C HIS B 255 -19.41 -16.20 -10.42
N ARG B 256 -18.15 -15.80 -10.28
CA ARG B 256 -17.70 -14.48 -10.72
C ARG B 256 -16.21 -14.41 -10.55
N LEU B 257 -15.59 -13.39 -11.13
CA LEU B 257 -14.20 -13.08 -10.85
C LEU B 257 -14.14 -12.07 -9.71
N LYS B 258 -13.09 -12.15 -8.90
CA LYS B 258 -12.87 -11.13 -7.87
C LYS B 258 -12.34 -9.87 -8.52
N ASP B 259 -12.81 -8.73 -8.05
CA ASP B 259 -12.26 -7.43 -8.40
C ASP B 259 -11.23 -7.07 -7.31
N LYS B 260 -9.94 -7.20 -7.62
CA LYS B 260 -8.90 -7.19 -6.59
C LYS B 260 -8.13 -5.87 -6.52
N LEU B 261 -7.52 -5.64 -5.37
CA LEU B 261 -6.65 -4.48 -5.20
C LEU B 261 -5.55 -4.46 -6.27
N GLY B 262 -4.93 -5.62 -6.46
CA GLY B 262 -3.91 -5.75 -7.52
C GLY B 262 -3.93 -7.16 -8.07
N THR B 263 -2.84 -7.55 -8.72
CA THR B 263 -2.78 -8.77 -9.53
C THR B 263 -3.96 -8.81 -10.50
N LYS B 264 -4.30 -7.66 -11.08
CA LYS B 264 -5.54 -7.57 -11.83
C LYS B 264 -5.56 -8.38 -13.13
N ALA B 265 -4.39 -8.70 -13.70
CA ALA B 265 -4.40 -9.53 -14.92
C ALA B 265 -4.72 -11.00 -14.60
N LEU B 266 -4.52 -11.40 -13.35
CA LEU B 266 -4.71 -12.78 -12.94
C LEU B 266 -6.19 -13.08 -12.63
N PRO B 267 -6.79 -14.06 -13.33
CA PRO B 267 -8.17 -14.43 -13.00
C PRO B 267 -8.22 -15.13 -11.65
N THR B 268 -8.98 -14.58 -10.71
CA THR B 268 -9.21 -15.21 -9.41
C THR B 268 -10.73 -15.34 -9.28
N ALA B 269 -11.23 -16.57 -9.19
CA ALA B 269 -12.67 -16.84 -9.26
C ALA B 269 -13.21 -17.52 -8.01
N GLU B 270 -14.51 -17.33 -7.79
CA GLU B 270 -15.26 -18.17 -6.88
C GLU B 270 -15.93 -19.22 -7.74
N LEU B 271 -15.86 -20.47 -7.35
CA LEU B 271 -16.53 -21.49 -8.17
C LEU B 271 -17.20 -22.55 -7.32
N SER B 272 -18.15 -23.25 -7.95
CA SER B 272 -18.82 -24.37 -7.30
C SER B 272 -18.48 -25.65 -8.03
N LEU B 273 -18.12 -26.67 -7.25
CA LEU B 273 -17.97 -28.01 -7.75
C LEU B 273 -19.32 -28.68 -7.62
N GLN B 274 -19.87 -29.14 -8.73
CA GLN B 274 -21.24 -29.64 -8.73
C GLN B 274 -21.26 -31.08 -9.23
N GLY B 275 -20.51 -31.93 -8.54
CA GLY B 275 -20.34 -33.30 -8.99
C GLY B 275 -19.12 -33.48 -9.87
N THR B 276 -18.10 -32.66 -9.63
CA THR B 276 -16.85 -32.70 -10.38
C THR B 276 -16.10 -33.99 -10.12
N PRO B 277 -15.87 -34.81 -11.16
CA PRO B 277 -15.12 -36.05 -10.93
C PRO B 277 -13.69 -35.76 -10.47
N ALA B 278 -13.21 -36.53 -9.51
CA ALA B 278 -11.90 -36.31 -8.95
C ALA B 278 -11.31 -37.62 -8.50
N ARG B 279 -10.00 -37.63 -8.35
CA ARG B 279 -9.29 -38.83 -7.96
C ARG B 279 -8.54 -38.63 -6.66
N MET B 280 -8.79 -39.51 -5.70
CA MET B 280 -8.13 -39.34 -4.40
C MET B 280 -6.66 -39.69 -4.54
N ILE B 281 -5.82 -38.85 -3.95
CA ILE B 281 -4.38 -39.10 -3.89
C ILE B 281 -3.95 -39.31 -2.45
N GLY B 282 -3.33 -40.43 -2.17
CA GLY B 282 -3.00 -40.76 -0.79
C GLY B 282 -4.24 -41.31 -0.13
N GLY B 283 -4.21 -41.43 1.18
CA GLY B 283 -5.30 -42.04 1.90
C GLY B 283 -6.21 -41.04 2.56
N VAL B 284 -7.37 -41.53 2.98
CA VAL B 284 -8.28 -40.80 3.85
C VAL B 284 -7.56 -40.19 5.06
N GLY B 285 -7.76 -38.91 5.28
CA GLY B 285 -7.26 -38.25 6.47
C GLY B 285 -5.89 -37.63 6.26
N GLU B 286 -5.29 -37.93 5.12
CA GLU B 286 -3.92 -37.47 4.85
C GLU B 286 -3.82 -36.21 4.00
N GLY B 287 -4.96 -35.64 3.63
CA GLY B 287 -4.96 -34.48 2.72
C GLY B 287 -4.09 -33.30 3.10
N VAL B 288 -4.24 -32.80 4.32
CA VAL B 288 -3.51 -31.62 4.71
C VAL B 288 -2.00 -31.88 4.71
N LYS B 289 -1.60 -33.06 5.15
CA LYS B 289 -0.17 -33.32 5.26
C LYS B 289 0.48 -33.50 3.88
N ARG B 290 -0.27 -34.05 2.91
CA ARG B 290 0.27 -34.22 1.57
C ARG B 290 0.34 -32.89 0.84
N ILE B 291 -0.64 -32.02 1.10
CA ILE B 291 -0.68 -30.75 0.39
C ILE B 291 0.40 -29.78 0.87
N ALA B 292 1.02 -30.10 2.00
CA ALA B 292 2.13 -29.31 2.52
C ALA B 292 3.32 -29.21 1.56
N SER B 293 3.46 -30.14 0.62
CA SER B 293 4.60 -30.04 -0.28
C SER B 293 4.26 -29.08 -1.41
N VAL B 294 2.97 -28.82 -1.61
CA VAL B 294 2.58 -27.74 -2.51
C VAL B 294 2.82 -26.40 -1.81
N LEU B 295 2.45 -26.31 -0.55
CA LEU B 295 2.62 -25.07 0.21
C LEU B 295 4.09 -24.65 0.28
N ASN B 296 4.99 -25.58 0.58
CA ASN B 296 6.40 -25.24 0.71
C ASN B 296 7.03 -24.67 -0.55
N ILE B 297 6.65 -25.23 -1.70
CA ILE B 297 7.16 -24.75 -2.97
C ILE B 297 6.53 -23.40 -3.32
N THR B 298 5.21 -23.25 -3.11
CA THR B 298 4.56 -21.99 -3.45
C THR B 298 5.07 -20.87 -2.55
N ARG B 299 5.41 -21.20 -1.31
CA ARG B 299 5.90 -20.17 -0.40
C ARG B 299 7.30 -19.69 -0.80
N ILE B 300 8.10 -20.57 -1.39
CA ILE B 300 9.43 -20.16 -1.86
C ILE B 300 9.30 -19.39 -3.20
N TYR B 301 8.35 -19.80 -4.05
CA TYR B 301 8.00 -19.00 -5.24
C TYR B 301 7.56 -17.59 -4.83
N ASN B 302 6.71 -17.50 -3.85
CA ASN B 302 6.22 -16.22 -3.41
C ASN B 302 7.38 -15.33 -3.01
N SER B 303 8.30 -15.89 -2.26
CA SER B 303 9.47 -15.15 -1.78
C SER B 303 10.32 -14.62 -2.92
N ILE B 304 10.66 -15.49 -3.86
CA ILE B 304 11.47 -15.10 -5.02
C ILE B 304 10.72 -14.07 -5.86
N CYS B 305 9.40 -14.25 -6.00
CA CYS B 305 8.61 -13.24 -6.74
C CYS B 305 8.57 -11.90 -5.98
N ALA B 306 8.47 -11.96 -4.65
CA ALA B 306 8.46 -10.72 -3.86
C ALA B 306 9.77 -9.96 -4.01
N VAL B 307 10.87 -10.70 -4.06
CA VAL B 307 12.18 -10.06 -4.20
C VAL B 307 12.42 -9.58 -5.63
N GLY B 308 11.92 -10.31 -6.62
CA GLY B 308 11.97 -9.82 -7.98
C GLY B 308 11.16 -8.53 -8.12
N HIS B 309 10.04 -8.46 -7.40
CA HIS B 309 9.20 -7.25 -7.36
C HIS B 309 9.97 -6.07 -6.75
N ILE B 310 10.63 -6.32 -5.63
CA ILE B 310 11.51 -5.34 -5.00
C ILE B 310 12.54 -4.82 -6.00
N ARG B 311 13.20 -5.74 -6.72
CA ARG B 311 14.25 -5.36 -7.67
C ARG B 311 13.68 -4.46 -8.76
N ARG B 312 12.46 -4.80 -9.22
CA ARG B 312 11.78 -4.03 -10.26
C ARG B 312 11.46 -2.63 -9.76
N ALA B 313 10.92 -2.54 -8.54
CA ALA B 313 10.62 -1.24 -7.94
C ALA B 313 11.89 -0.38 -7.81
N LEU B 314 12.98 -0.99 -7.36
CA LEU B 314 14.21 -0.26 -7.16
C LEU B 314 14.88 0.08 -8.49
N ASP B 315 14.75 -0.78 -9.49
CA ASP B 315 15.31 -0.44 -10.81
C ASP B 315 14.64 0.82 -11.34
N LEU B 316 13.33 0.91 -11.18
CA LEU B 316 12.60 2.10 -11.64
C LEU B 316 13.00 3.34 -10.85
N ALA B 317 13.11 3.20 -9.54
CA ALA B 317 13.49 4.32 -8.67
C ALA B 317 14.90 4.78 -8.95
N GLN B 318 15.81 3.82 -9.14
CA GLN B 318 17.22 4.19 -9.43
C GLN B 318 17.33 4.95 -10.75
N ASP B 319 16.67 4.45 -11.80
CA ASP B 319 16.75 5.14 -13.08
C ASP B 319 16.12 6.53 -12.99
N TYR B 320 14.96 6.62 -12.35
CA TYR B 320 14.32 7.94 -12.18
C TYR B 320 15.21 8.91 -11.40
N SER B 321 15.93 8.38 -10.41
CA SER B 321 16.74 9.23 -9.55
C SER B 321 17.90 9.82 -10.30
N GLY B 322 18.23 9.24 -11.45
CA GLY B 322 19.27 9.81 -12.30
C GLY B 322 18.75 10.74 -13.38
N LYS B 323 17.45 10.99 -13.39
CA LYS B 323 16.82 11.82 -14.42
C LYS B 323 16.01 12.99 -13.85
N ARG B 324 15.46 12.81 -12.66
CA ARG B 324 14.63 13.83 -12.03
C ARG B 324 15.50 14.80 -11.23
N GLN B 325 15.31 16.09 -11.47
CA GLN B 325 16.05 17.11 -10.75
C GLN B 325 15.15 17.82 -9.75
N ALA B 326 15.74 18.26 -8.65
CA ALA B 326 15.04 19.13 -7.72
C ALA B 326 16.07 20.05 -7.06
N PHE B 327 15.73 21.33 -6.96
CA PHE B 327 16.61 22.31 -6.34
C PHE B 327 18.01 22.31 -6.95
N GLY B 328 18.08 22.10 -8.26
CA GLY B 328 19.34 22.20 -8.97
C GLY B 328 20.11 20.89 -9.17
N LYS B 329 19.74 19.85 -8.43
CA LYS B 329 20.46 18.58 -8.52
C LYS B 329 19.56 17.40 -8.83
N LEU B 330 20.18 16.40 -9.45
CA LEU B 330 19.57 15.09 -9.60
C LEU B 330 19.24 14.53 -8.22
N LEU B 331 18.15 13.78 -8.12
CA LEU B 331 17.70 13.24 -6.84
C LEU B 331 18.80 12.40 -6.21
N LYS B 332 19.51 11.62 -7.03
CA LYS B 332 20.56 10.74 -6.54
C LYS B 332 21.69 11.51 -5.85
N ASP B 333 21.78 12.82 -6.10
CA ASP B 333 22.83 13.65 -5.51
C ASP B 333 22.36 14.44 -4.28
N HIS B 334 21.11 14.21 -3.86
CA HIS B 334 20.62 14.73 -2.57
C HIS B 334 20.92 13.68 -1.51
N PRO B 335 21.71 14.03 -0.47
CA PRO B 335 22.15 13.06 0.53
C PRO B 335 21.02 12.28 1.20
N LEU B 336 19.91 12.92 1.52
CA LEU B 336 18.79 12.21 2.14
C LEU B 336 18.13 11.22 1.15
N HIS B 337 17.95 11.62 -0.10
CA HIS B 337 17.37 10.72 -1.09
C HIS B 337 18.31 9.53 -1.31
N LYS B 338 19.61 9.79 -1.46
CA LYS B 338 20.58 8.72 -1.64
C LYS B 338 20.60 7.76 -0.41
N SER B 339 20.54 8.31 0.79
CA SER B 339 20.51 7.48 1.99
C SER B 339 19.27 6.60 2.01
N THR B 340 18.15 7.15 1.56
CA THR B 340 16.92 6.37 1.52
C THR B 340 17.05 5.24 0.51
N LEU B 341 17.55 5.55 -0.68
CA LEU B 341 17.77 4.53 -1.68
C LEU B 341 18.73 3.43 -1.18
N ASP B 342 19.83 3.83 -0.54
CA ASP B 342 20.82 2.87 -0.01
C ASP B 342 20.18 1.93 1.01
N SER B 343 19.30 2.47 1.84
CA SER B 343 18.61 1.67 2.84
C SER B 343 17.69 0.64 2.22
N LEU B 344 16.96 1.03 1.18
CA LEU B 344 16.08 0.11 0.48
C LEU B 344 16.91 -0.96 -0.24
N GLU B 345 18.03 -0.56 -0.82
CA GLU B 345 18.91 -1.52 -1.50
C GLU B 345 19.51 -2.52 -0.51
N ALA B 346 19.84 -2.07 0.71
CA ALA B 346 20.37 -2.97 1.74
C ALA B 346 19.32 -4.03 2.11
N ASP B 347 18.07 -3.61 2.21
CA ASP B 347 16.97 -4.53 2.43
C ASP B 347 16.84 -5.53 1.29
N PHE B 348 16.96 -5.03 0.06
CA PHE B 348 16.93 -5.89 -1.11
C PHE B 348 18.00 -6.98 -1.04
N ARG B 349 19.22 -6.59 -0.66
CA ARG B 349 20.32 -7.55 -0.60
C ARG B 349 20.08 -8.64 0.46
N LYS B 350 19.51 -8.27 1.59
CA LYS B 350 19.14 -9.25 2.62
C LYS B 350 18.14 -10.25 2.05
N CYS B 351 17.14 -9.72 1.36
CA CYS B 351 16.06 -10.52 0.82
C CYS B 351 16.52 -11.51 -0.25
N ILE B 352 17.36 -11.04 -1.18
CA ILE B 352 17.75 -11.93 -2.26
C ILE B 352 18.72 -12.98 -1.74
N ALA B 353 19.61 -12.61 -0.81
CA ALA B 353 20.54 -13.60 -0.25
C ALA B 353 19.80 -14.69 0.52
N PHE B 354 18.87 -14.25 1.36
CA PHE B 354 18.01 -15.14 2.15
C PHE B 354 17.23 -16.07 1.20
N SER B 355 16.63 -15.49 0.15
CA SER B 355 15.81 -16.29 -0.77
C SER B 355 16.62 -17.39 -1.46
N PHE B 356 17.80 -17.06 -1.97
CA PHE B 356 18.55 -18.07 -2.71
C PHE B 356 19.23 -19.07 -1.79
N PHE B 357 19.49 -18.64 -0.55
CA PHE B 357 19.99 -19.57 0.47
C PHE B 357 18.97 -20.70 0.68
N VAL B 358 17.70 -20.32 0.83
CA VAL B 358 16.62 -21.28 1.04
C VAL B 358 16.35 -22.07 -0.26
N ALA B 359 16.48 -21.41 -1.41
CA ALA B 359 16.29 -22.10 -2.70
C ALA B 359 17.32 -23.22 -2.88
N ASN B 360 18.56 -22.96 -2.43
CA ASN B 360 19.60 -23.97 -2.49
C ASN B 360 19.26 -25.17 -1.61
N LEU B 361 18.75 -24.89 -0.41
CA LEU B 361 18.33 -25.95 0.52
C LEU B 361 17.21 -26.79 -0.08
N LEU B 362 16.27 -26.14 -0.74
CA LEU B 362 15.17 -26.83 -1.41
C LEU B 362 15.73 -27.76 -2.47
N GLY B 363 16.70 -27.26 -3.24
CA GLY B 363 17.34 -28.06 -4.27
C GLY B 363 18.05 -29.26 -3.69
N GLN B 364 18.73 -29.06 -2.56
CA GLN B 364 19.45 -30.14 -1.90
C GLN B 364 18.50 -31.26 -1.51
N GLU B 365 17.36 -30.88 -0.95
CA GLU B 365 16.38 -31.87 -0.52
C GLU B 365 15.77 -32.60 -1.71
N GLU B 366 15.51 -31.86 -2.79
CA GLU B 366 14.85 -32.47 -3.94
C GLU B 366 15.75 -33.48 -4.67
N VAL B 367 17.06 -33.36 -4.54
CA VAL B 367 17.94 -34.33 -5.19
C VAL B 367 18.50 -35.33 -4.19
N GLY B 368 17.95 -35.31 -2.98
CA GLY B 368 18.30 -36.28 -1.96
C GLY B 368 19.65 -36.07 -1.30
N GLU B 369 20.17 -34.85 -1.38
CA GLU B 369 21.52 -34.60 -0.87
C GLU B 369 21.55 -33.75 0.38
N ALA B 370 20.37 -33.49 0.94
CA ALA B 370 20.26 -32.69 2.16
C ALA B 370 20.42 -33.56 3.40
N SER B 371 21.22 -33.09 4.36
CA SER B 371 21.36 -33.76 5.65
C SER B 371 20.07 -33.66 6.42
N ALA B 372 19.94 -34.44 7.50
CA ALA B 372 18.74 -34.38 8.34
C ALA B 372 18.53 -32.99 8.91
N SER B 373 19.63 -32.34 9.29
CA SER B 373 19.55 -31.01 9.87
C SER B 373 19.14 -29.98 8.82
N GLU B 374 19.66 -30.13 7.59
CA GLU B 374 19.34 -29.20 6.51
C GLU B 374 17.87 -29.32 6.09
N LYS B 375 17.32 -30.53 6.15
CA LYS B 375 15.91 -30.71 5.85
C LYS B 375 15.08 -29.96 6.89
N ILE B 376 15.54 -30.01 8.14
CA ILE B 376 14.86 -29.32 9.22
C ILE B 376 15.02 -27.81 9.09
N LEU B 377 16.19 -27.35 8.68
CA LEU B 377 16.39 -25.93 8.39
C LEU B 377 15.46 -25.42 7.30
N LEU B 378 15.34 -26.20 6.22
CA LEU B 378 14.45 -25.83 5.14
C LEU B 378 13.03 -25.65 5.65
N ARG B 379 12.60 -26.61 6.46
CA ARG B 379 11.25 -26.62 7.00
C ARG B 379 10.97 -25.38 7.84
N VAL B 380 11.94 -25.00 8.67
CA VAL B 380 11.80 -23.85 9.54
C VAL B 380 11.90 -22.52 8.77
N LEU B 381 12.84 -22.45 7.83
CA LEU B 381 13.12 -21.16 7.18
C LEU B 381 12.12 -20.77 6.09
N THR B 382 11.39 -21.76 5.55
CA THR B 382 10.48 -21.48 4.45
C THR B 382 9.37 -20.48 4.86
N PRO B 383 8.65 -20.74 5.97
CA PRO B 383 7.62 -19.73 6.32
C PRO B 383 8.23 -18.39 6.72
N ILE B 384 9.42 -18.42 7.31
CA ILE B 384 10.08 -17.19 7.73
C ILE B 384 10.47 -16.34 6.52
N LEU B 385 11.09 -16.99 5.53
CA LEU B 385 11.47 -16.33 4.28
C LEU B 385 10.27 -15.66 3.62
N LYS B 386 9.16 -16.39 3.58
CA LYS B 386 7.94 -15.93 2.93
C LYS B 386 7.43 -14.67 3.65
N LEU B 387 7.26 -14.71 4.95
CA LEU B 387 6.66 -13.52 5.62
C LEU B 387 7.64 -12.36 5.63
N TYR B 388 8.92 -12.69 5.69
CA TYR B 388 9.98 -11.69 5.77
C TYR B 388 10.08 -10.89 4.46
N THR B 389 10.23 -11.59 3.33
CA THR B 389 10.37 -10.91 2.04
C THR B 389 9.07 -10.18 1.68
N ALA B 390 7.93 -10.73 2.08
CA ALA B 390 6.66 -10.09 1.76
C ALA B 390 6.56 -8.71 2.39
N LYS B 391 6.85 -8.64 3.69
CA LYS B 391 6.77 -7.35 4.40
C LYS B 391 7.74 -6.33 3.81
N LYS B 392 8.96 -6.79 3.53
CA LYS B 392 9.95 -5.93 2.91
C LYS B 392 9.47 -5.44 1.53
N SER B 393 8.79 -6.31 0.78
CA SER B 393 8.37 -5.92 -0.57
C SER B 393 7.31 -4.82 -0.52
N ILE B 394 6.44 -4.90 0.48
CA ILE B 394 5.40 -3.90 0.66
C ILE B 394 6.00 -2.56 1.10
N HIS B 395 6.90 -2.63 2.08
CA HIS B 395 7.59 -1.43 2.57
C HIS B 395 8.36 -0.74 1.45
N ILE B 396 9.15 -1.51 0.72
CA ILE B 396 9.94 -0.94 -0.38
C ILE B 396 9.04 -0.40 -1.50
N SER B 397 7.97 -1.12 -1.87
CA SER B 397 7.08 -0.60 -2.90
C SER B 397 6.44 0.72 -2.49
N SER B 398 6.02 0.82 -1.24
CA SER B 398 5.43 2.07 -0.75
C SER B 398 6.44 3.20 -0.78
N GLU B 399 7.68 2.93 -0.38
CA GLU B 399 8.69 3.98 -0.42
C GLU B 399 8.97 4.42 -1.84
N VAL B 400 8.99 3.46 -2.77
CA VAL B 400 9.25 3.79 -4.18
C VAL B 400 8.08 4.61 -4.76
N VAL B 401 6.84 4.26 -4.42
CA VAL B 401 5.71 5.09 -4.87
C VAL B 401 5.93 6.55 -4.44
N GLU B 402 6.33 6.73 -3.20
CA GLU B 402 6.52 8.08 -2.66
C GLU B 402 7.74 8.75 -3.28
N MET B 403 8.75 7.97 -3.64
CA MET B 403 9.91 8.56 -4.32
C MET B 403 9.56 9.18 -5.66
N PHE B 404 8.49 8.73 -6.30
CA PHE B 404 8.10 9.33 -7.58
C PHE B 404 7.20 10.55 -7.35
N GLY B 405 6.90 10.85 -6.09
CA GLY B 405 6.08 12.01 -5.76
C GLY B 405 4.67 11.86 -6.31
N GLY B 406 4.08 12.97 -6.76
CA GLY B 406 2.74 12.94 -7.31
C GLY B 406 2.54 11.93 -8.43
N ALA B 407 3.52 11.84 -9.33
CA ALA B 407 3.47 10.89 -10.44
C ALA B 407 3.36 9.46 -9.92
N GLY B 408 3.94 9.22 -8.75
CA GLY B 408 3.90 7.90 -8.14
C GLY B 408 2.47 7.47 -7.80
N TYR B 409 1.59 8.44 -7.65
CA TYR B 409 0.22 8.18 -7.20
C TYR B 409 -0.74 8.10 -8.40
N VAL B 410 -0.22 8.26 -9.62
CA VAL B 410 -1.08 8.30 -10.82
C VAL B 410 -0.89 7.03 -11.65
N GLU B 411 -1.99 6.36 -11.95
CA GLU B 411 -1.90 4.99 -12.46
C GLU B 411 -1.20 4.87 -13.83
N ASP B 412 -1.34 5.86 -14.72
CA ASP B 412 -0.78 5.64 -16.05
C ASP B 412 0.75 5.71 -16.07
N THR B 413 1.38 6.10 -14.96
CA THR B 413 2.85 6.02 -14.89
C THR B 413 3.33 4.59 -14.66
N GLY B 414 2.42 3.72 -14.22
CA GLY B 414 2.77 2.35 -13.90
C GLY B 414 3.28 2.17 -12.48
N ILE B 415 3.44 3.27 -11.74
CA ILE B 415 4.06 3.17 -10.41
C ILE B 415 3.10 2.71 -9.28
N PRO B 416 1.83 3.20 -9.23
CA PRO B 416 0.94 2.70 -8.16
C PRO B 416 0.77 1.19 -8.13
N ARG B 417 0.85 0.56 -9.31
CA ARG B 417 0.76 -0.89 -9.40
C ARG B 417 1.79 -1.58 -8.49
N LEU B 418 2.95 -0.96 -8.28
CA LEU B 418 3.97 -1.57 -7.43
C LEU B 418 3.43 -1.85 -6.02
N LEU B 419 2.71 -0.88 -5.46
CA LEU B 419 2.15 -1.07 -4.13
C LEU B 419 0.93 -1.99 -4.15
N ARG B 420 0.05 -1.82 -5.13
CA ARG B 420 -1.17 -2.64 -5.21
C ARG B 420 -0.82 -4.13 -5.33
N ASP B 421 0.15 -4.43 -6.18
CA ASP B 421 0.56 -5.82 -6.36
C ASP B 421 1.31 -6.35 -5.14
N ALA B 422 2.20 -5.53 -4.58
CA ALA B 422 3.06 -6.00 -3.49
C ALA B 422 2.24 -6.46 -2.28
N GLN B 423 1.11 -5.79 -2.04
CA GLN B 423 0.30 -6.09 -0.86
C GLN B 423 -0.19 -7.55 -0.88
N VAL B 424 -0.30 -8.13 -2.06
CA VAL B 424 -0.75 -9.53 -2.16
C VAL B 424 0.24 -10.48 -1.49
N PHE B 425 1.53 -10.12 -1.49
CA PHE B 425 2.58 -11.08 -1.09
C PHE B 425 2.49 -11.50 0.37
N SER B 426 1.92 -10.65 1.23
CA SER B 426 1.81 -10.97 2.66
C SER B 426 0.49 -11.64 2.98
N ILE B 427 -0.29 -11.99 1.97
CA ILE B 427 -1.61 -12.55 2.22
C ILE B 427 -1.80 -13.93 1.61
N TRP B 428 -1.59 -14.10 0.32
CA TRP B 428 -1.80 -15.45 -0.20
C TRP B 428 -0.74 -16.45 0.26
N GLU B 429 -1.10 -17.72 0.31
CA GLU B 429 -0.26 -18.81 0.84
C GLU B 429 0.21 -18.47 2.27
N GLY B 430 -0.58 -17.66 2.99
CA GLY B 430 -0.33 -17.40 4.39
C GLY B 430 0.02 -15.97 4.81
N THR B 431 -0.72 -15.46 5.79
CA THR B 431 -0.43 -14.14 6.35
C THR B 431 0.78 -14.20 7.27
N THR B 432 1.28 -13.03 7.65
CA THR B 432 2.43 -12.92 8.54
C THR B 432 2.24 -13.71 9.83
N ASN B 433 1.07 -13.56 10.44
CA ASN B 433 0.78 -14.23 11.69
C ASN B 433 0.60 -15.74 11.54
N VAL B 434 -0.08 -16.17 10.48
CA VAL B 434 -0.26 -17.60 10.23
C VAL B 434 1.10 -18.29 9.98
N LEU B 435 1.98 -17.65 9.22
CA LEU B 435 3.30 -18.23 8.97
C LEU B 435 4.22 -18.11 10.20
N SER B 436 4.03 -17.07 11.01
CA SER B 436 4.76 -16.95 12.26
C SER B 436 4.42 -18.13 13.18
N LEU B 437 3.15 -18.51 13.20
CA LEU B 437 2.71 -19.67 13.98
C LEU B 437 3.17 -20.98 13.35
N ASP B 438 3.23 -21.06 12.02
CA ASP B 438 3.75 -22.27 11.37
C ASP B 438 5.21 -22.45 11.76
N MET B 439 5.94 -21.35 11.88
CA MET B 439 7.32 -21.37 12.34
C MET B 439 7.39 -21.95 13.76
N LEU B 440 6.52 -21.44 14.63
CA LEU B 440 6.49 -21.92 16.02
C LEU B 440 6.09 -23.39 16.13
N ARG B 441 5.23 -23.91 15.27
CA ARG B 441 4.89 -25.33 15.39
C ARG B 441 6.02 -26.20 14.83
N ALA B 442 6.71 -25.69 13.81
CA ALA B 442 7.89 -26.36 13.30
C ALA B 442 8.98 -26.52 14.39
N PHE B 443 9.12 -25.53 15.27
CA PHE B 443 10.13 -25.62 16.35
C PHE B 443 9.89 -26.79 17.29
N GLU B 444 8.62 -27.11 17.52
CA GLU B 444 8.23 -28.10 18.52
C GLU B 444 8.33 -29.53 17.97
N LYS B 445 8.86 -29.68 16.75
CA LYS B 445 8.99 -30.98 16.12
C LYS B 445 10.49 -31.27 15.82
N ASP B 446 10.95 -32.49 16.14
CA ASP B 446 12.37 -32.91 15.90
C ASP B 446 13.48 -31.99 16.40
N GLN B 447 13.27 -31.26 17.50
CA GLN B 447 14.32 -30.40 18.06
C GLN B 447 14.67 -29.28 17.07
N ALA B 448 13.71 -28.91 16.23
CA ALA B 448 13.97 -28.00 15.12
C ALA B 448 14.46 -26.65 15.62
N GLY B 449 13.94 -26.22 16.76
CA GLY B 449 14.36 -24.96 17.35
C GLY B 449 15.83 -25.00 17.74
N GLN B 450 16.28 -26.15 18.23
CA GLN B 450 17.66 -26.31 18.69
C GLN B 450 18.62 -26.44 17.50
N ILE B 451 18.16 -27.06 16.42
CA ILE B 451 18.97 -27.17 15.22
C ILE B 451 19.14 -25.78 14.59
N LEU B 452 18.08 -24.98 14.66
CA LEU B 452 18.13 -23.63 14.15
C LEU B 452 19.12 -22.77 14.91
N GLU B 453 19.03 -22.86 16.22
CA GLU B 453 19.86 -22.06 17.09
C GLU B 453 21.35 -22.42 16.92
N GLN B 454 21.68 -23.71 16.86
CA GLN B 454 23.06 -24.10 16.61
C GLN B 454 23.57 -23.55 15.28
N PHE B 455 22.69 -23.54 14.28
CA PHE B 455 23.06 -23.02 12.98
C PHE B 455 23.44 -21.55 13.05
N LEU B 456 22.66 -20.77 13.80
CA LEU B 456 22.92 -19.34 13.91
C LEU B 456 24.20 -19.06 14.70
N VAL B 457 24.41 -19.81 15.78
CA VAL B 457 25.59 -19.64 16.61
C VAL B 457 26.89 -19.99 15.87
N LEU B 458 26.88 -21.08 15.12
CA LEU B 458 28.05 -21.52 14.38
C LEU B 458 28.43 -20.55 13.27
N ASN B 459 27.42 -19.92 12.66
CA ASN B 459 27.62 -19.13 11.46
C ASN B 459 27.68 -17.63 11.66
N GLU B 460 27.43 -17.17 12.88
CA GLU B 460 27.49 -15.75 13.13
C GLU B 460 27.92 -15.46 14.55
N ALA B 461 28.72 -14.41 14.70
CA ALA B 461 29.26 -14.01 15.99
C ALA B 461 28.16 -13.65 16.99
N GLY B 462 28.56 -13.38 18.22
CA GLY B 462 27.61 -13.04 19.26
C GLY B 462 27.10 -11.64 19.00
N SER B 463 25.85 -11.39 19.38
CA SER B 463 25.22 -10.11 19.07
C SER B 463 24.02 -9.90 19.98
N GLU B 464 23.62 -8.64 20.13
CA GLU B 464 22.48 -8.30 20.98
C GLU B 464 21.20 -8.92 20.42
N GLU B 465 21.15 -9.02 19.10
CA GLU B 465 20.00 -9.59 18.41
C GLU B 465 19.92 -11.09 18.72
N LEU B 466 21.07 -11.74 18.69
CA LEU B 466 21.19 -13.17 18.96
C LEU B 466 20.78 -13.47 20.40
N VAL B 467 21.29 -12.65 21.32
CA VAL B 467 20.96 -12.76 22.73
C VAL B 467 19.46 -12.58 22.93
N ARG B 468 18.91 -11.54 22.31
CA ARG B 468 17.47 -11.28 22.33
C ARG B 468 16.67 -12.47 21.82
N LEU B 469 17.11 -13.06 20.72
CA LEU B 469 16.43 -14.22 20.15
C LEU B 469 16.47 -15.44 21.08
N GLN B 470 17.63 -15.75 21.65
CA GLN B 470 17.71 -16.93 22.52
C GLN B 470 16.76 -16.77 23.70
N LYS B 471 16.71 -15.56 24.23
CA LYS B 471 15.85 -15.26 25.38
C LYS B 471 14.37 -15.42 25.01
N LEU B 472 14.02 -15.08 23.78
CA LEU B 472 12.65 -15.23 23.33
C LEU B 472 12.26 -16.69 23.15
N LEU B 473 13.21 -17.51 22.70
CA LEU B 473 12.92 -18.90 22.37
C LEU B 473 12.65 -19.79 23.59
N THR B 474 12.93 -19.28 24.79
CA THR B 474 12.65 -20.03 26.01
C THR B 474 11.29 -19.71 26.64
N LEU B 475 10.61 -18.70 26.12
CA LEU B 475 9.37 -18.21 26.72
C LEU B 475 8.22 -19.22 26.74
N SER B 476 7.16 -18.84 27.47
CA SER B 476 5.93 -19.61 27.58
C SER B 476 5.31 -19.94 26.23
N GLY B 477 4.38 -20.89 26.23
CA GLY B 477 3.61 -21.22 25.05
C GLY B 477 2.95 -19.98 24.47
N GLU B 478 2.23 -19.24 25.30
CA GLU B 478 1.47 -18.09 24.83
C GLU B 478 2.32 -16.82 24.68
N GLN B 479 3.38 -16.72 25.48
CA GLN B 479 4.30 -15.59 25.34
C GLN B 479 5.14 -15.71 24.08
N LYS B 480 5.44 -16.94 23.68
CA LYS B 480 6.14 -17.12 22.41
C LYS B 480 5.22 -16.70 21.27
N GLU B 481 3.92 -17.03 21.37
CA GLU B 481 2.94 -16.62 20.36
C GLU B 481 2.85 -15.11 20.23
N GLN B 482 2.79 -14.40 21.37
CA GLN B 482 2.74 -12.95 21.33
C GLN B 482 3.98 -12.38 20.67
N HIS B 483 5.11 -13.07 20.82
CA HIS B 483 6.38 -12.60 20.28
C HIS B 483 6.77 -13.26 18.97
N ALA B 484 5.82 -13.99 18.37
CA ALA B 484 6.11 -14.83 17.20
C ALA B 484 6.66 -14.04 16.02
N ARG B 485 6.15 -12.83 15.81
CA ARG B 485 6.61 -12.00 14.70
C ARG B 485 8.04 -11.54 14.91
N GLU B 486 8.32 -11.08 16.13
CA GLU B 486 9.66 -10.61 16.49
C GLU B 486 10.67 -11.75 16.32
N ILE B 487 10.29 -12.94 16.77
CA ILE B 487 11.16 -14.10 16.62
C ILE B 487 11.45 -14.39 15.15
N ALA B 488 10.41 -14.36 14.31
CA ALA B 488 10.58 -14.64 12.90
C ALA B 488 11.51 -13.63 12.24
N PHE B 489 11.35 -12.35 12.56
CA PHE B 489 12.17 -11.33 11.92
C PHE B 489 13.60 -11.32 12.46
N LEU B 490 13.78 -11.66 13.74
CA LEU B 490 15.13 -11.84 14.25
C LEU B 490 15.85 -12.94 13.50
N ILE B 491 15.19 -14.08 13.30
CA ILE B 491 15.78 -15.19 12.56
C ILE B 491 16.03 -14.79 11.11
N GLY B 492 15.04 -14.18 10.47
CA GLY B 492 15.17 -13.75 9.09
C GLY B 492 16.36 -12.84 8.88
N ASN B 493 16.53 -11.86 9.77
CA ASN B 493 17.66 -10.94 9.67
C ASN B 493 19.00 -11.64 9.86
N ALA B 494 19.06 -12.56 10.82
CA ALA B 494 20.28 -13.35 11.04
C ALA B 494 20.64 -14.20 9.82
N VAL B 495 19.68 -14.92 9.26
CA VAL B 495 19.97 -15.78 8.12
C VAL B 495 20.36 -14.92 6.92
N ALA B 496 19.71 -13.77 6.76
CA ALA B 496 20.07 -12.86 5.67
C ALA B 496 21.53 -12.40 5.78
N ARG B 497 21.97 -12.03 6.97
CA ARG B 497 23.36 -11.61 7.14
C ARG B 497 24.31 -12.75 6.82
N ILE B 498 23.99 -13.95 7.32
CA ILE B 498 24.82 -15.12 7.08
C ILE B 498 24.94 -15.43 5.59
N ALA B 499 23.81 -15.33 4.88
CA ALA B 499 23.77 -15.62 3.46
C ALA B 499 24.50 -14.54 2.66
N MET B 500 24.35 -13.29 3.06
CA MET B 500 25.04 -12.20 2.37
C MET B 500 26.56 -12.35 2.47
N LYS B 501 27.03 -12.73 3.64
CA LYS B 501 28.46 -12.97 3.84
C LYS B 501 28.92 -14.12 2.96
N LYS B 502 28.13 -15.18 2.91
CA LYS B 502 28.47 -16.37 2.16
C LYS B 502 28.60 -16.09 0.67
N TYR B 503 27.79 -15.16 0.16
CA TYR B 503 27.74 -14.85 -1.26
C TYR B 503 28.51 -13.57 -1.59
N SER B 504 29.18 -13.02 -0.58
CA SER B 504 29.96 -11.78 -0.71
C SER B 504 29.16 -10.58 -1.21
N LEU B 505 27.95 -10.38 -0.69
CA LEU B 505 27.11 -9.27 -1.13
C LEU B 505 27.40 -7.99 -0.34
#